data_4K2I
#
_entry.id   4K2I
#
_cell.length_a   50.109
_cell.length_b   106.979
_cell.length_c   99.177
_cell.angle_alpha   90.00
_cell.angle_beta   95.96
_cell.angle_gamma   90.00
#
_symmetry.space_group_name_H-M   'P 1 21 1'
#
loop_
_entity.id
_entity.type
_entity.pdbx_description
1 polymer 'NTD biosynthesis operon protein NtdA'
2 non-polymer "4'-DEOXY-4'-AMINOPYRIDOXAL-5'-PHOSPHATE"
3 non-polymer 'ACETATE ION'
4 non-polymer 1,2-ETHANEDIOL
5 non-polymer 'CHLORIDE ION'
6 water water
#
_entity_poly.entity_id   1
_entity_poly.type   'polypeptide(L)'
_entity_poly.pdbx_seq_one_letter_code
;AGMQKQVKISGKSKENMSLLKHLKGDVQGKELVIEDSIVNERWKQVLKEKIDIEHDLFNYQKNREISKVPFLPVDRLITN
DEVEDILNTLTEVLPTGKFTSGPYLEQFEKVLSTYLHKRYVIATSSGTDAIMIGLLALGLNPGDEVIMPANSFSATENAV
LASGGVPIYVDINPQTFCIDPDKIEEAITPYTKFILPVHLYGKHSDMQHIRQIANRYKLKVIEDACQGIGLTDLGKYADI
TTLSFNPYKNFGVCGKAGAIATDNEELAKKCIQFSYHGFEVNVKNKKVINFGFNSKMDNLQAAIGLERMKYLSLNNFKRL
FLADRYITQLAELQNKGYIELPELSEDHVWHLFPIKVRTEDRADIMTKLNEDFGVQTDVYYPILSHMQKTPLVQDKYAGL
QLVHTEKAHSQVLHLPLYPSFTLEEQDRVMEGLFHVIKQEIGV
;
_entity_poly.pdbx_strand_id   A,B
#
# COMPACT_ATOMS: atom_id res chain seq x y z
N LYS A 5 34.94 -20.18 -22.74
CA LYS A 5 35.74 -18.99 -23.04
C LYS A 5 35.13 -17.69 -22.49
N GLN A 6 33.81 -17.52 -22.62
CA GLN A 6 33.14 -16.36 -22.05
C GLN A 6 32.52 -16.70 -20.70
N VAL A 7 32.73 -15.85 -19.72
CA VAL A 7 32.10 -16.03 -18.42
C VAL A 7 31.04 -14.93 -18.28
N LYS A 8 29.79 -15.31 -18.58
CA LYS A 8 28.68 -14.38 -18.60
C LYS A 8 28.16 -14.06 -17.20
N ILE A 9 27.87 -12.79 -16.99
CA ILE A 9 27.46 -12.30 -15.69
C ILE A 9 26.04 -11.75 -15.78
N SER A 10 25.10 -12.56 -15.28
CA SER A 10 23.68 -12.27 -15.36
C SER A 10 23.17 -11.70 -14.04
N GLY A 11 23.87 -12.01 -12.95
CA GLY A 11 23.39 -11.67 -11.62
C GLY A 11 22.49 -12.74 -11.00
N LYS A 12 22.12 -13.75 -11.78
CA LYS A 12 21.25 -14.83 -11.31
C LYS A 12 22.06 -15.90 -10.59
N SER A 13 21.38 -16.74 -9.81
CA SER A 13 22.08 -17.62 -8.87
C SER A 13 23.09 -18.60 -9.49
N LYS A 14 22.73 -19.23 -10.61
CA LYS A 14 23.68 -20.15 -11.24
C LYS A 14 24.95 -19.45 -11.75
N GLU A 15 24.79 -18.35 -12.48
CA GLU A 15 25.95 -17.64 -13.03
C GLU A 15 26.79 -17.04 -11.92
N ASN A 16 26.14 -16.64 -10.82
CA ASN A 16 26.87 -16.10 -9.69
C ASN A 16 27.82 -17.13 -9.09
N MET A 17 27.35 -18.38 -9.03
CA MET A 17 28.17 -19.49 -8.52
C MET A 17 29.40 -19.76 -9.40
N SER A 18 29.22 -19.78 -10.72
CA SER A 18 30.37 -19.93 -11.61
C SER A 18 31.35 -18.76 -11.52
N LEU A 19 30.82 -17.53 -11.38
CA LEU A 19 31.66 -16.35 -11.21
C LEU A 19 32.51 -16.50 -9.96
N LEU A 20 31.88 -16.92 -8.86
CA LEU A 20 32.60 -17.13 -7.62
C LEU A 20 33.76 -18.11 -7.78
N LYS A 21 33.49 -19.27 -8.37
CA LYS A 21 34.52 -20.27 -8.64
C LYS A 21 35.63 -19.66 -9.48
N HIS A 22 35.24 -18.99 -10.56
CA HIS A 22 36.16 -18.32 -11.46
C HIS A 22 37.10 -17.33 -10.77
N LEU A 23 36.57 -16.53 -9.85
CA LEU A 23 37.36 -15.51 -9.19
C LEU A 23 38.24 -16.07 -8.07
N LYS A 24 37.94 -17.29 -7.64
CA LYS A 24 38.76 -17.93 -6.63
C LYS A 24 39.84 -18.82 -7.28
N GLY A 25 40.25 -18.48 -8.50
CA GLY A 25 41.35 -19.14 -9.17
C GLY A 25 40.90 -20.29 -10.03
N ASP A 26 39.75 -20.86 -9.70
CA ASP A 26 39.17 -21.98 -10.46
C ASP A 26 38.58 -21.48 -11.79
N VAL A 27 39.45 -21.10 -12.71
CA VAL A 27 39.08 -20.42 -13.95
C VAL A 27 37.94 -21.10 -14.75
N GLN A 28 36.89 -20.33 -15.04
CA GLN A 28 35.74 -20.84 -15.79
C GLN A 28 35.73 -20.36 -17.24
N GLY A 29 36.77 -19.65 -17.65
CA GLY A 29 36.82 -19.07 -18.98
C GLY A 29 37.77 -17.88 -19.04
N LYS A 30 37.65 -17.08 -20.09
CA LYS A 30 38.62 -16.01 -20.33
C LYS A 30 38.00 -14.64 -20.10
N GLU A 31 37.02 -14.31 -20.94
CA GLU A 31 36.47 -12.96 -20.99
C GLU A 31 35.24 -12.77 -20.12
N LEU A 32 35.35 -11.91 -19.12
CA LEU A 32 34.22 -11.44 -18.32
C LEU A 32 33.28 -10.62 -19.19
N VAL A 33 32.03 -11.07 -19.30
CA VAL A 33 31.05 -10.39 -20.12
C VAL A 33 29.86 -9.98 -19.25
N ILE A 34 29.74 -8.69 -18.95
CA ILE A 34 28.65 -8.22 -18.11
C ILE A 34 27.42 -7.98 -18.96
N GLU A 35 26.40 -8.82 -18.78
CA GLU A 35 25.15 -8.69 -19.51
C GLU A 35 24.59 -7.28 -19.33
N ASP A 36 24.05 -6.72 -20.40
CA ASP A 36 23.52 -5.36 -20.37
C ASP A 36 22.13 -5.39 -19.76
N SER A 37 22.09 -5.27 -18.45
CA SER A 37 20.84 -5.32 -17.71
C SER A 37 20.90 -4.27 -16.61
N ILE A 38 19.72 -3.79 -16.20
CA ILE A 38 19.69 -2.79 -15.16
C ILE A 38 20.26 -3.35 -13.86
N VAL A 39 20.02 -4.64 -13.60
CA VAL A 39 20.45 -5.26 -12.34
C VAL A 39 21.97 -5.35 -12.19
N ASN A 40 22.68 -5.17 -13.29
CA ASN A 40 24.14 -5.27 -13.34
C ASN A 40 24.84 -3.92 -13.37
N GLU A 41 24.07 -2.83 -13.44
CA GLU A 41 24.63 -1.49 -13.56
C GLU A 41 25.73 -1.16 -12.54
N ARG A 42 25.48 -1.41 -11.26
CA ARG A 42 26.49 -1.06 -10.25
C ARG A 42 27.70 -2.00 -10.22
N TRP A 43 27.51 -3.23 -10.70
CA TRP A 43 28.60 -4.19 -10.85
C TRP A 43 29.71 -3.56 -11.70
N LYS A 44 29.31 -2.84 -12.73
CA LYS A 44 30.25 -2.26 -13.69
C LYS A 44 31.25 -1.31 -13.07
N GLN A 45 30.90 -0.72 -11.93
CA GLN A 45 31.82 0.21 -11.34
C GLN A 45 32.84 -0.42 -10.40
N VAL A 46 32.67 -1.71 -10.10
CA VAL A 46 33.62 -2.39 -9.22
C VAL A 46 34.26 -3.65 -9.81
N LEU A 47 33.65 -4.23 -10.83
CA LEU A 47 34.14 -5.49 -11.36
C LEU A 47 35.24 -5.34 -12.41
N LYS A 48 36.47 -5.65 -12.03
CA LYS A 48 37.61 -5.59 -12.93
C LYS A 48 38.17 -7.00 -13.09
N GLU A 49 39.05 -7.16 -14.07
CA GLU A 49 39.72 -8.45 -14.33
C GLU A 49 40.46 -9.05 -13.12
N LYS A 50 41.22 -8.24 -12.41
CA LYS A 50 42.02 -8.77 -11.30
C LYS A 50 41.40 -8.45 -9.94
N ILE A 51 40.08 -8.62 -9.84
CA ILE A 51 39.37 -8.22 -8.63
C ILE A 51 39.77 -9.03 -7.40
N ASP A 52 40.02 -8.32 -6.32
CA ASP A 52 40.25 -8.90 -5.01
C ASP A 52 38.93 -8.70 -4.25
N ILE A 53 38.17 -9.77 -4.09
CA ILE A 53 36.83 -9.66 -3.54
C ILE A 53 36.85 -9.04 -2.14
N GLU A 54 37.66 -9.60 -1.25
CA GLU A 54 37.75 -9.13 0.13
C GLU A 54 38.03 -7.64 0.23
N HIS A 55 38.94 -7.15 -0.63
CA HIS A 55 39.24 -5.72 -0.58
C HIS A 55 38.31 -4.88 -1.46
N ASP A 56 38.09 -5.31 -2.70
CA ASP A 56 37.38 -4.46 -3.67
C ASP A 56 35.87 -4.38 -3.45
N LEU A 57 35.27 -5.43 -2.89
CA LEU A 57 33.83 -5.42 -2.67
C LEU A 57 33.46 -5.20 -1.21
N PHE A 58 34.33 -5.62 -0.29
CA PHE A 58 34.00 -5.59 1.13
C PHE A 58 34.85 -4.61 1.94
N ASN A 59 35.91 -4.07 1.33
CA ASN A 59 36.82 -3.17 2.04
C ASN A 59 37.22 -3.75 3.40
N TYR A 60 37.66 -5.01 3.36
CA TYR A 60 38.00 -5.80 4.54
C TYR A 60 38.98 -5.06 5.43
N GLN A 61 38.60 -4.85 6.69
CA GLN A 61 39.49 -4.27 7.68
C GLN A 61 39.64 -5.22 8.86
N LYS A 62 40.53 -6.19 8.69
CA LYS A 62 40.81 -7.25 9.67
C LYS A 62 40.87 -6.76 11.11
N ASN A 63 41.50 -5.60 11.33
CA ASN A 63 41.73 -5.11 12.68
C ASN A 63 40.78 -4.03 13.18
N ARG A 64 39.68 -3.79 12.44
CA ARG A 64 38.74 -2.77 12.89
C ARG A 64 38.12 -3.18 14.22
N GLU A 65 38.02 -2.23 15.14
CA GLU A 65 37.45 -2.53 16.46
C GLU A 65 35.95 -2.78 16.37
N ILE A 66 35.52 -3.95 16.83
CA ILE A 66 34.11 -4.30 16.88
C ILE A 66 33.73 -4.77 18.27
N SER A 67 32.67 -4.19 18.84
CA SER A 67 32.19 -4.68 20.14
C SER A 67 30.76 -5.25 20.07
N LYS A 68 30.05 -4.94 18.99
CA LYS A 68 28.70 -5.45 18.74
C LYS A 68 28.59 -5.93 17.30
N VAL A 69 27.80 -6.98 17.08
CA VAL A 69 27.40 -7.34 15.72
C VAL A 69 25.89 -7.47 15.66
N PRO A 70 25.20 -6.41 15.21
CA PRO A 70 23.75 -6.47 15.09
C PRO A 70 23.36 -7.44 13.98
N PHE A 71 22.25 -8.14 14.13
CA PHE A 71 21.80 -9.10 13.14
C PHE A 71 21.34 -8.40 11.86
N LEU A 72 20.59 -7.30 12.01
CA LEU A 72 20.04 -6.59 10.86
C LEU A 72 19.87 -5.08 11.10
N PRO A 73 20.97 -4.32 11.06
CA PRO A 73 20.86 -2.86 11.26
C PRO A 73 20.20 -2.21 10.05
N VAL A 74 18.95 -1.74 10.19
CA VAL A 74 18.20 -1.28 9.01
C VAL A 74 18.82 -0.10 8.27
N ASP A 75 19.56 0.75 8.98
CA ASP A 75 20.22 1.90 8.38
C ASP A 75 21.33 1.47 7.41
N ARG A 76 21.80 0.25 7.57
CA ARG A 76 22.88 -0.24 6.74
C ARG A 76 22.37 -1.08 5.55
N LEU A 77 21.06 -1.26 5.47
CA LEU A 77 20.49 -1.99 4.33
C LEU A 77 20.30 -1.10 3.11
N ILE A 78 20.46 0.21 3.30
CA ILE A 78 20.48 1.14 2.20
C ILE A 78 21.78 1.93 2.26
N THR A 79 22.49 2.03 1.14
CA THR A 79 23.80 2.68 1.13
C THR A 79 23.65 4.18 0.83
N ASN A 80 24.71 4.93 1.12
CA ASN A 80 24.73 6.34 0.77
C ASN A 80 24.57 6.56 -0.72
N ASP A 81 25.17 5.66 -1.51
CA ASP A 81 25.04 5.71 -2.97
C ASP A 81 23.60 5.55 -3.45
N GLU A 82 22.85 4.65 -2.83
CA GLU A 82 21.43 4.48 -3.14
C GLU A 82 20.62 5.72 -2.74
N VAL A 83 20.89 6.25 -1.55
CA VAL A 83 20.24 7.48 -1.08
C VAL A 83 20.40 8.60 -2.11
N GLU A 84 21.60 8.75 -2.67
CA GLU A 84 21.81 9.82 -3.65
C GLU A 84 21.07 9.57 -4.97
N ASP A 85 21.09 8.33 -5.46
CA ASP A 85 20.33 7.99 -6.66
C ASP A 85 18.84 8.28 -6.43
N ILE A 86 18.34 7.85 -5.29
CA ILE A 86 16.93 8.03 -4.95
C ILE A 86 16.54 9.51 -4.87
N LEU A 87 17.32 10.30 -4.14
CA LEU A 87 17.08 11.75 -4.07
C LEU A 87 17.11 12.39 -5.46
N ASN A 88 18.03 11.95 -6.31
CA ASN A 88 18.11 12.48 -7.67
C ASN A 88 16.88 12.16 -8.51
N THR A 89 16.41 10.91 -8.44
CA THR A 89 15.22 10.56 -9.21
C THR A 89 13.96 11.25 -8.66
N LEU A 90 13.87 11.37 -7.34
CA LEU A 90 12.73 12.05 -6.71
C LEU A 90 12.66 13.54 -7.04
N THR A 91 13.82 14.14 -7.25
CA THR A 91 13.89 15.52 -7.73
C THR A 91 13.12 15.70 -9.04
N GLU A 92 13.14 14.66 -9.88
CA GLU A 92 12.39 14.71 -11.13
C GLU A 92 10.97 14.14 -11.04
N VAL A 93 10.75 13.18 -10.14
CA VAL A 93 9.43 12.59 -10.03
C VAL A 93 8.42 13.52 -9.37
N LEU A 94 8.83 14.09 -8.23
CA LEU A 94 7.95 14.95 -7.43
C LEU A 94 7.19 16.07 -8.18
N PRO A 95 7.87 16.84 -9.05
CA PRO A 95 7.16 17.93 -9.76
C PRO A 95 6.16 17.42 -10.79
N THR A 96 6.29 16.19 -11.27
CA THR A 96 5.30 15.67 -12.20
C THR A 96 3.93 15.53 -11.51
N GLY A 97 3.93 15.43 -10.18
CA GLY A 97 2.69 15.23 -9.44
C GLY A 97 2.06 13.84 -9.58
N LYS A 98 2.78 12.90 -10.20
CA LYS A 98 2.25 11.56 -10.43
C LYS A 98 2.87 10.55 -9.47
N PHE A 99 2.09 10.06 -8.52
CA PHE A 99 2.65 9.28 -7.42
C PHE A 99 2.01 7.89 -7.28
N THR A 100 0.81 7.73 -7.83
CA THR A 100 0.18 6.40 -7.84
C THR A 100 0.34 5.76 -9.21
N SER A 101 -0.49 6.14 -10.18
CA SER A 101 -0.26 5.71 -11.55
C SER A 101 0.83 6.60 -12.17
N GLY A 102 1.49 6.10 -13.21
CA GLY A 102 2.50 6.91 -13.88
C GLY A 102 3.51 6.09 -14.65
N PRO A 103 4.43 6.77 -15.36
CA PRO A 103 5.33 6.10 -16.30
C PRO A 103 6.45 5.26 -15.67
N TYR A 104 6.87 5.56 -14.45
CA TYR A 104 7.89 4.74 -13.81
C TYR A 104 7.32 3.36 -13.47
N LEU A 105 6.03 3.32 -13.14
CA LEU A 105 5.38 2.07 -12.79
C LEU A 105 5.44 1.11 -13.99
N GLU A 106 5.05 1.63 -15.15
CA GLU A 106 5.04 0.86 -16.39
C GLU A 106 6.44 0.41 -16.79
N GLN A 107 7.43 1.30 -16.65
CA GLN A 107 8.80 0.93 -16.97
C GLN A 107 9.34 -0.17 -16.03
N PHE A 108 9.01 -0.07 -14.75
CA PHE A 108 9.45 -1.03 -13.73
C PHE A 108 8.87 -2.42 -14.00
N GLU A 109 7.60 -2.49 -14.40
CA GLU A 109 7.00 -3.76 -14.78
C GLU A 109 7.68 -4.36 -16.01
N LYS A 110 8.02 -3.51 -16.97
CA LYS A 110 8.67 -3.95 -18.20
C LYS A 110 10.03 -4.56 -17.89
N VAL A 111 10.80 -3.84 -17.08
CA VAL A 111 12.12 -4.26 -16.65
C VAL A 111 12.10 -5.57 -15.83
N LEU A 112 11.09 -5.74 -14.98
CA LEU A 112 10.95 -6.99 -14.23
C LEU A 112 10.62 -8.14 -15.18
N SER A 113 9.80 -7.85 -16.19
CA SER A 113 9.38 -8.85 -17.16
C SER A 113 10.60 -9.44 -17.86
N THR A 114 11.48 -8.56 -18.31
CA THR A 114 12.69 -8.95 -19.01
C THR A 114 13.62 -9.76 -18.10
N TYR A 115 13.80 -9.28 -16.88
CA TYR A 115 14.70 -9.95 -15.93
C TYR A 115 14.20 -11.33 -15.54
N LEU A 116 12.89 -11.46 -15.32
CA LEU A 116 12.31 -12.74 -14.89
C LEU A 116 11.96 -13.67 -16.04
N HIS A 117 12.02 -13.17 -17.27
CA HIS A 117 11.61 -13.95 -18.43
C HIS A 117 10.16 -14.39 -18.30
N LYS A 118 9.32 -13.46 -17.86
CA LYS A 118 7.90 -13.70 -17.75
C LYS A 118 7.20 -12.64 -18.59
N ARG A 119 6.20 -13.05 -19.36
CA ARG A 119 5.52 -12.14 -20.27
C ARG A 119 4.78 -10.99 -19.57
N TYR A 120 4.11 -11.28 -18.46
CA TYR A 120 3.30 -10.25 -17.77
C TYR A 120 3.72 -10.06 -16.32
N VAL A 121 3.95 -8.80 -15.95
CA VAL A 121 4.24 -8.46 -14.56
C VAL A 121 3.26 -7.39 -14.05
N ILE A 122 2.63 -7.70 -12.93
CA ILE A 122 1.69 -6.81 -12.28
C ILE A 122 2.30 -6.40 -10.93
N ALA A 123 2.77 -5.15 -10.84
CA ALA A 123 3.41 -4.69 -9.62
C ALA A 123 2.36 -4.31 -8.60
N THR A 124 2.52 -4.79 -7.36
CA THR A 124 1.48 -4.65 -6.34
C THR A 124 1.96 -3.87 -5.11
N SER A 125 1.01 -3.51 -4.24
CA SER A 125 1.30 -2.76 -3.03
C SER A 125 2.07 -3.55 -1.96
N SER A 126 2.16 -4.86 -2.13
CA SER A 126 2.98 -5.71 -1.26
C SER A 126 3.02 -7.15 -1.78
N GLY A 127 3.95 -7.93 -1.26
CA GLY A 127 4.03 -9.35 -1.58
C GLY A 127 2.81 -10.10 -1.09
N THR A 128 2.27 -9.68 0.05
CA THR A 128 1.08 -10.29 0.62
C THR A 128 -0.10 -10.13 -0.33
N ASP A 129 -0.22 -8.93 -0.89
CA ASP A 129 -1.25 -8.63 -1.87
C ASP A 129 -1.06 -9.40 -3.17
N ALA A 130 0.20 -9.59 -3.59
CA ALA A 130 0.47 -10.37 -4.80
C ALA A 130 -0.09 -11.78 -4.66
N ILE A 131 0.20 -12.43 -3.53
CA ILE A 131 -0.29 -13.77 -3.28
C ILE A 131 -1.82 -13.81 -3.22
N MET A 132 -2.41 -12.87 -2.53
CA MET A 132 -3.86 -12.83 -2.37
C MET A 132 -4.53 -12.68 -3.73
N ILE A 133 -4.07 -11.72 -4.51
CA ILE A 133 -4.63 -11.45 -5.84
C ILE A 133 -4.35 -12.60 -6.81
N GLY A 134 -3.16 -13.18 -6.77
CA GLY A 134 -2.84 -14.32 -7.60
C GLY A 134 -3.76 -15.50 -7.37
N LEU A 135 -4.06 -15.76 -6.09
CA LEU A 135 -4.98 -16.84 -5.72
C LEU A 135 -6.35 -16.59 -6.32
N LEU A 136 -6.85 -15.37 -6.15
CA LEU A 136 -8.16 -15.00 -6.65
C LEU A 136 -8.22 -15.08 -8.19
N ALA A 137 -7.18 -14.58 -8.85
CA ALA A 137 -7.11 -14.58 -10.31
C ALA A 137 -7.14 -16.01 -10.84
N LEU A 138 -6.50 -16.90 -10.09
CA LEU A 138 -6.47 -18.32 -10.39
C LEU A 138 -7.78 -19.03 -10.06
N GLY A 139 -8.73 -18.31 -9.45
CA GLY A 139 -10.06 -18.86 -9.24
C GLY A 139 -10.32 -19.44 -7.87
N LEU A 140 -9.59 -18.98 -6.87
CA LEU A 140 -9.86 -19.42 -5.51
C LEU A 140 -11.24 -18.97 -5.06
N ASN A 141 -12.05 -19.92 -4.61
CA ASN A 141 -13.35 -19.65 -3.99
C ASN A 141 -13.26 -20.05 -2.51
N PRO A 142 -14.08 -19.43 -1.66
CA PRO A 142 -14.09 -19.77 -0.22
C PRO A 142 -14.27 -21.27 0.01
N GLY A 143 -13.42 -21.87 0.83
CA GLY A 143 -13.46 -23.29 1.07
C GLY A 143 -12.44 -24.07 0.25
N ASP A 144 -11.98 -23.51 -0.87
CA ASP A 144 -10.94 -24.17 -1.66
C ASP A 144 -9.69 -24.35 -0.81
N GLU A 145 -9.02 -25.50 -0.97
CA GLU A 145 -7.88 -25.85 -0.14
C GLU A 145 -6.55 -25.58 -0.84
N VAL A 146 -5.55 -25.19 -0.06
CA VAL A 146 -4.27 -24.75 -0.59
C VAL A 146 -3.16 -25.43 0.17
N ILE A 147 -2.49 -26.38 -0.47
CA ILE A 147 -1.44 -27.13 0.21
C ILE A 147 -0.18 -26.27 0.36
N MET A 148 0.37 -26.22 1.57
CA MET A 148 1.45 -25.28 1.87
C MET A 148 2.23 -25.70 3.12
N PRO A 149 3.45 -25.19 3.29
CA PRO A 149 4.22 -25.49 4.51
C PRO A 149 3.74 -24.63 5.68
N ALA A 150 4.11 -25.04 6.89
CA ALA A 150 3.72 -24.35 8.12
C ALA A 150 4.84 -23.49 8.72
N ASN A 151 5.97 -23.37 8.03
CA ASN A 151 7.12 -22.63 8.58
C ASN A 151 7.43 -21.31 7.88
N SER A 152 6.50 -20.80 7.09
CA SER A 152 6.74 -19.54 6.40
C SER A 152 6.39 -18.38 7.33
N PHE A 153 6.62 -17.14 6.86
CA PHE A 153 6.14 -15.95 7.54
C PHE A 153 4.62 -15.96 7.44
N SER A 154 3.94 -15.42 8.46
CA SER A 154 2.48 -15.51 8.53
C SER A 154 1.78 -14.95 7.29
N ALA A 155 2.45 -14.05 6.57
CA ALA A 155 1.89 -13.45 5.37
C ALA A 155 1.36 -14.49 4.37
N THR A 156 2.08 -15.61 4.23
CA THR A 156 1.69 -16.60 3.24
C THR A 156 0.29 -17.16 3.53
N GLU A 157 0.07 -17.68 4.74
CA GLU A 157 -1.26 -18.19 5.11
C GLU A 157 -2.32 -17.09 5.15
N ASN A 158 -1.93 -15.88 5.54
CA ASN A 158 -2.89 -14.78 5.62
C ASN A 158 -3.49 -14.44 4.26
N ALA A 159 -2.65 -14.49 3.22
CA ALA A 159 -3.12 -14.24 1.86
C ALA A 159 -4.15 -15.27 1.39
N VAL A 160 -4.01 -16.51 1.85
CA VAL A 160 -5.02 -17.56 1.57
C VAL A 160 -6.31 -17.32 2.36
N LEU A 161 -6.16 -17.10 3.66
CA LEU A 161 -7.30 -16.90 4.56
C LEU A 161 -8.11 -15.66 4.24
N ALA A 162 -7.45 -14.57 3.87
CA ALA A 162 -8.15 -13.32 3.58
C ALA A 162 -9.23 -13.51 2.50
N SER A 163 -8.96 -14.37 1.52
CA SER A 163 -9.95 -14.66 0.48
C SER A 163 -10.78 -15.89 0.84
N GLY A 164 -10.73 -16.31 2.09
CA GLY A 164 -11.53 -17.44 2.52
C GLY A 164 -11.03 -18.80 2.06
N GLY A 165 -9.80 -18.85 1.55
CA GLY A 165 -9.16 -20.11 1.23
C GLY A 165 -8.87 -20.90 2.49
N VAL A 166 -8.53 -22.18 2.34
CA VAL A 166 -8.24 -23.04 3.48
C VAL A 166 -6.82 -23.63 3.36
N PRO A 167 -5.90 -23.19 4.24
CA PRO A 167 -4.56 -23.77 4.26
C PRO A 167 -4.57 -25.24 4.69
N ILE A 168 -3.82 -26.06 3.95
CA ILE A 168 -3.59 -27.44 4.33
C ILE A 168 -2.09 -27.59 4.51
N TYR A 169 -1.66 -27.74 5.75
CA TYR A 169 -0.23 -27.78 6.07
C TYR A 169 0.37 -29.17 5.88
N VAL A 170 1.50 -29.21 5.20
CA VAL A 170 2.21 -30.44 4.88
C VAL A 170 3.68 -30.30 5.34
N ASP A 171 4.33 -31.43 5.63
CA ASP A 171 5.66 -31.42 6.23
C ASP A 171 6.77 -30.97 5.26
N ILE A 172 7.88 -30.49 5.81
CA ILE A 172 9.02 -30.01 5.01
C ILE A 172 10.13 -31.02 4.90
N ASN A 173 11.03 -30.80 3.94
CA ASN A 173 12.35 -31.41 3.96
C ASN A 173 13.15 -30.69 5.02
N PRO A 174 13.64 -31.41 6.03
CA PRO A 174 14.29 -30.77 7.18
C PRO A 174 15.70 -30.24 6.88
N GLN A 175 16.26 -30.54 5.71
CA GLN A 175 17.55 -29.99 5.35
C GLN A 175 17.40 -28.71 4.54
N THR A 176 16.41 -28.69 3.66
CA THR A 176 16.22 -27.56 2.75
C THR A 176 15.26 -26.52 3.32
N PHE A 177 14.51 -26.92 4.35
CA PHE A 177 13.42 -26.13 4.94
C PHE A 177 12.23 -25.86 4.02
N CYS A 178 12.24 -26.44 2.82
CA CYS A 178 11.15 -26.27 1.88
C CYS A 178 10.17 -27.45 1.90
N ILE A 179 8.95 -27.20 1.45
CA ILE A 179 7.90 -28.20 1.39
C ILE A 179 8.36 -29.52 0.75
N ASP A 180 8.11 -30.61 1.45
CA ASP A 180 8.52 -31.92 0.97
C ASP A 180 7.51 -32.40 -0.06
N PRO A 181 7.93 -32.51 -1.32
CA PRO A 181 6.99 -32.90 -2.37
C PRO A 181 6.44 -34.30 -2.13
N ASP A 182 7.17 -35.13 -1.39
CA ASP A 182 6.72 -36.48 -1.14
C ASP A 182 5.59 -36.55 -0.09
N LYS A 183 5.22 -35.40 0.48
CA LYS A 183 4.13 -35.36 1.44
C LYS A 183 2.89 -34.69 0.87
N ILE A 184 2.95 -34.25 -0.37
CA ILE A 184 1.85 -33.49 -0.96
C ILE A 184 0.62 -34.31 -1.34
N GLU A 185 0.82 -35.38 -2.10
CA GLU A 185 -0.29 -36.16 -2.65
C GLU A 185 -1.21 -36.70 -1.57
N GLU A 186 -0.59 -37.13 -0.47
CA GLU A 186 -1.24 -37.53 0.77
C GLU A 186 -2.40 -36.62 1.16
N ALA A 187 -2.17 -35.32 0.99
CA ALA A 187 -3.07 -34.31 1.56
C ALA A 187 -4.12 -33.85 0.58
N ILE A 188 -4.04 -34.33 -0.66
CA ILE A 188 -4.97 -33.88 -1.70
C ILE A 188 -6.38 -34.44 -1.44
N THR A 189 -7.37 -33.55 -1.54
CA THR A 189 -8.77 -33.91 -1.31
C THR A 189 -9.57 -33.39 -2.50
N PRO A 190 -10.88 -33.74 -2.59
CA PRO A 190 -11.70 -33.14 -3.65
C PRO A 190 -11.79 -31.60 -3.61
N TYR A 191 -11.38 -30.99 -2.49
CA TYR A 191 -11.47 -29.54 -2.33
C TYR A 191 -10.15 -28.82 -2.59
N THR A 192 -9.08 -29.60 -2.78
CA THR A 192 -7.77 -29.04 -3.08
C THR A 192 -7.70 -28.44 -4.46
N LYS A 193 -7.24 -27.19 -4.54
CA LYS A 193 -7.14 -26.49 -5.80
C LYS A 193 -5.71 -26.01 -6.12
N PHE A 194 -4.90 -25.77 -5.08
CA PHE A 194 -3.60 -25.13 -5.27
C PHE A 194 -2.50 -25.78 -4.46
N ILE A 195 -1.29 -25.68 -4.98
CA ILE A 195 -0.12 -25.90 -4.18
C ILE A 195 0.60 -24.56 -4.09
N LEU A 196 1.11 -24.23 -2.92
CA LEU A 196 1.74 -22.95 -2.67
C LEU A 196 3.08 -23.19 -1.97
N PRO A 197 4.11 -23.53 -2.76
CA PRO A 197 5.44 -23.71 -2.19
C PRO A 197 6.08 -22.37 -1.85
N VAL A 198 6.97 -22.40 -0.88
CA VAL A 198 7.69 -21.21 -0.43
C VAL A 198 9.18 -21.43 -0.57
N HIS A 199 9.85 -20.54 -1.26
CA HIS A 199 11.31 -20.60 -1.37
C HIS A 199 11.95 -19.96 -0.14
N LEU A 200 11.82 -20.69 0.98
CA LEU A 200 12.13 -20.14 2.30
C LEU A 200 13.62 -19.82 2.44
N TYR A 201 13.92 -18.66 3.02
CA TYR A 201 15.29 -18.20 3.23
C TYR A 201 16.04 -17.92 1.92
N GLY A 202 15.34 -18.05 0.80
CA GLY A 202 15.96 -17.85 -0.50
C GLY A 202 16.37 -19.14 -1.18
N LYS A 203 16.00 -20.27 -0.60
CA LYS A 203 16.28 -21.58 -1.16
C LYS A 203 15.19 -22.03 -2.11
N HIS A 204 15.55 -22.40 -3.33
CA HIS A 204 14.58 -22.88 -4.32
C HIS A 204 13.94 -24.23 -3.93
N SER A 205 12.61 -24.26 -3.83
CA SER A 205 11.88 -25.51 -3.61
C SER A 205 12.05 -26.44 -4.81
N ASP A 206 11.72 -27.71 -4.64
CA ASP A 206 11.80 -28.69 -5.73
C ASP A 206 10.62 -28.53 -6.69
N MET A 207 10.68 -27.52 -7.54
CA MET A 207 9.54 -27.15 -8.37
C MET A 207 9.18 -28.17 -9.46
N GLN A 208 10.18 -28.84 -10.01
CA GLN A 208 9.93 -29.83 -11.05
C GLN A 208 9.06 -30.95 -10.52
N HIS A 209 9.44 -31.49 -9.37
CA HIS A 209 8.68 -32.58 -8.77
C HIS A 209 7.29 -32.09 -8.38
N ILE A 210 7.21 -30.85 -7.90
CA ILE A 210 5.93 -30.25 -7.53
C ILE A 210 5.01 -30.10 -8.75
N ARG A 211 5.58 -29.73 -9.88
CA ARG A 211 4.81 -29.57 -11.12
C ARG A 211 4.28 -30.93 -11.61
N GLN A 212 5.08 -31.97 -11.50
CA GLN A 212 4.61 -33.30 -11.87
C GLN A 212 3.37 -33.70 -11.07
N ILE A 213 3.42 -33.49 -9.76
CA ILE A 213 2.26 -33.77 -8.92
C ILE A 213 1.06 -32.89 -9.30
N ALA A 214 1.31 -31.60 -9.52
CA ALA A 214 0.28 -30.67 -9.93
C ALA A 214 -0.47 -31.10 -11.19
N ASN A 215 0.30 -31.49 -12.21
CA ASN A 215 -0.29 -31.91 -13.49
C ASN A 215 -1.15 -33.15 -13.31
N ARG A 216 -0.64 -34.08 -12.53
CA ARG A 216 -1.28 -35.35 -12.28
C ARG A 216 -2.66 -35.14 -11.65
N TYR A 217 -2.75 -34.17 -10.74
CA TYR A 217 -3.99 -33.92 -9.99
C TYR A 217 -4.73 -32.67 -10.44
N LYS A 218 -4.29 -32.10 -11.55
CA LYS A 218 -4.92 -30.90 -12.10
C LYS A 218 -4.97 -29.73 -11.08
N LEU A 219 -3.87 -29.50 -10.37
CA LEU A 219 -3.83 -28.39 -9.44
C LEU A 219 -3.08 -27.21 -10.06
N LYS A 220 -3.32 -26.02 -9.50
CA LYS A 220 -2.58 -24.83 -9.90
C LYS A 220 -1.39 -24.61 -8.95
N VAL A 221 -0.33 -24.03 -9.47
CA VAL A 221 0.86 -23.77 -8.67
C VAL A 221 1.12 -22.27 -8.61
N ILE A 222 1.03 -21.71 -7.42
CA ILE A 222 1.45 -20.33 -7.18
C ILE A 222 2.55 -20.36 -6.13
N GLU A 223 3.72 -19.82 -6.49
CA GLU A 223 4.83 -19.88 -5.58
C GLU A 223 5.09 -18.56 -4.86
N ASP A 224 5.38 -18.68 -3.58
CA ASP A 224 5.82 -17.56 -2.77
C ASP A 224 7.32 -17.46 -2.92
N ALA A 225 7.77 -16.59 -3.81
CA ALA A 225 9.20 -16.33 -3.99
C ALA A 225 9.57 -14.98 -3.41
N CYS A 226 8.83 -14.54 -2.40
CA CYS A 226 9.07 -13.21 -1.83
C CYS A 226 10.52 -13.05 -1.31
N GLN A 227 11.17 -14.16 -0.98
CA GLN A 227 12.56 -14.16 -0.53
C GLN A 227 13.57 -14.63 -1.59
N GLY A 228 13.11 -14.87 -2.81
CA GLY A 228 13.93 -15.59 -3.77
C GLY A 228 14.31 -14.88 -5.06
N ILE A 229 14.25 -13.55 -5.10
CA ILE A 229 14.60 -12.87 -6.36
C ILE A 229 16.05 -13.11 -6.75
N GLY A 230 16.26 -13.49 -8.01
CA GLY A 230 17.57 -13.87 -8.49
C GLY A 230 17.74 -15.36 -8.77
N LEU A 231 16.89 -16.22 -8.19
CA LEU A 231 16.99 -17.65 -8.46
C LEU A 231 16.93 -17.94 -9.96
N THR A 232 17.91 -18.70 -10.43
CA THR A 232 17.92 -19.18 -11.80
C THR A 232 16.65 -20.00 -12.03
N ASP A 233 15.99 -19.76 -13.16
CA ASP A 233 14.78 -20.47 -13.56
C ASP A 233 13.59 -20.27 -12.63
N LEU A 234 13.55 -19.13 -11.92
CA LEU A 234 12.42 -18.79 -11.08
C LEU A 234 11.11 -18.78 -11.90
N GLY A 235 10.12 -19.55 -11.48
CA GLY A 235 8.83 -19.52 -12.17
C GLY A 235 8.70 -20.41 -13.39
N LYS A 236 9.72 -21.21 -13.68
CA LYS A 236 9.68 -22.09 -14.84
C LYS A 236 8.50 -23.07 -14.80
N TYR A 237 8.20 -23.58 -13.60
CA TYR A 237 7.13 -24.56 -13.41
C TYR A 237 5.91 -24.02 -12.67
N ALA A 238 5.84 -22.70 -12.46
CA ALA A 238 4.70 -22.13 -11.72
C ALA A 238 3.70 -21.41 -12.61
N ASP A 239 2.41 -21.46 -12.26
CA ASP A 239 1.42 -20.68 -12.98
C ASP A 239 1.58 -19.19 -12.64
N ILE A 240 1.84 -18.90 -11.37
CA ILE A 240 2.03 -17.54 -10.89
C ILE A 240 3.23 -17.50 -9.95
N THR A 241 4.06 -16.47 -10.11
CA THR A 241 5.21 -16.24 -9.23
C THR A 241 5.02 -14.93 -8.48
N THR A 242 5.23 -14.94 -7.16
CA THR A 242 5.07 -13.73 -6.38
C THR A 242 6.38 -13.25 -5.75
N LEU A 243 6.56 -11.94 -5.72
CA LEU A 243 7.74 -11.33 -5.14
C LEU A 243 7.31 -10.24 -4.15
N SER A 244 8.22 -9.92 -3.25
CA SER A 244 8.09 -8.80 -2.35
C SER A 244 9.23 -7.86 -2.63
N PHE A 245 8.96 -6.55 -2.59
CA PHE A 245 10.04 -5.58 -2.67
C PHE A 245 10.12 -4.77 -1.37
N ASN A 246 9.75 -5.37 -0.24
CA ASN A 246 9.86 -4.71 1.07
CA ASN A 246 9.85 -4.64 1.02
C ASN A 246 11.32 -4.34 1.33
N PRO A 247 11.58 -3.30 2.16
CA PRO A 247 12.98 -2.88 2.32
C PRO A 247 13.97 -3.92 2.86
N TYR A 248 13.51 -5.06 3.33
CA TYR A 248 14.42 -6.08 3.87
C TYR A 248 14.78 -7.16 2.85
N LYS A 249 14.19 -7.12 1.66
CA LYS A 249 14.44 -8.20 0.70
C LYS A 249 15.76 -8.02 -0.04
N ASN A 250 16.21 -9.07 -0.73
CA ASN A 250 17.46 -9.00 -1.50
C ASN A 250 17.48 -7.78 -2.42
N PHE A 251 16.32 -7.45 -2.96
CA PHE A 251 16.08 -6.15 -3.60
C PHE A 251 14.77 -5.57 -3.02
N GLY A 252 14.81 -4.31 -2.60
CA GLY A 252 13.65 -3.67 -2.00
C GLY A 252 13.50 -2.21 -2.42
N VAL A 253 12.31 -1.64 -2.23
CA VAL A 253 12.12 -0.20 -2.44
C VAL A 253 12.23 0.56 -1.11
N CYS A 254 11.51 1.68 -0.99
CA CYS A 254 11.51 2.44 0.25
C CYS A 254 10.10 2.55 0.81
N GLY A 255 9.48 1.39 1.00
CA GLY A 255 8.09 1.29 1.42
C GLY A 255 7.64 -0.10 1.06
N LYS A 256 6.34 -0.35 1.07
CA LYS A 256 5.82 -1.65 0.67
C LYS A 256 5.59 -1.72 -0.85
N ALA A 257 5.83 -2.91 -1.40
CA ALA A 257 5.52 -3.24 -2.79
C ALA A 257 5.76 -4.73 -3.03
N GLY A 258 5.21 -5.22 -4.13
CA GLY A 258 5.47 -6.58 -4.57
C GLY A 258 5.18 -6.75 -6.05
N ALA A 259 5.06 -7.99 -6.50
CA ALA A 259 4.79 -8.26 -7.90
C ALA A 259 4.19 -9.64 -8.12
N ILE A 260 3.34 -9.74 -9.13
CA ILE A 260 2.87 -11.00 -9.69
C ILE A 260 3.49 -11.11 -11.08
N ALA A 261 4.03 -12.27 -11.40
CA ALA A 261 4.57 -12.53 -12.72
C ALA A 261 3.99 -13.84 -13.24
N THR A 262 3.62 -13.84 -14.51
CA THR A 262 2.99 -15.00 -15.15
C THR A 262 3.20 -14.91 -16.67
N ASP A 263 3.14 -16.06 -17.34
CA ASP A 263 3.19 -16.07 -18.80
C ASP A 263 1.79 -16.13 -19.42
N ASN A 264 0.78 -16.35 -18.58
CA ASN A 264 -0.59 -16.53 -19.04
C ASN A 264 -1.36 -15.21 -19.12
N GLU A 265 -1.79 -14.86 -20.32
CA GLU A 265 -2.39 -13.56 -20.56
C GLU A 265 -3.73 -13.34 -19.87
N GLU A 266 -4.57 -14.37 -19.84
CA GLU A 266 -5.89 -14.25 -19.24
C GLU A 266 -5.79 -14.11 -17.72
N LEU A 267 -4.87 -14.87 -17.14
CA LEU A 267 -4.50 -14.75 -15.74
C LEU A 267 -4.02 -13.34 -15.43
N ALA A 268 -3.12 -12.82 -16.26
CA ALA A 268 -2.59 -11.46 -16.08
C ALA A 268 -3.71 -10.44 -16.10
N LYS A 269 -4.65 -10.59 -17.03
CA LYS A 269 -5.79 -9.70 -17.13
C LYS A 269 -6.58 -9.70 -15.80
N LYS A 270 -6.87 -10.89 -15.29
CA LYS A 270 -7.58 -11.03 -14.04
C LYS A 270 -6.83 -10.41 -12.86
N CYS A 271 -5.51 -10.57 -12.86
CA CYS A 271 -4.67 -9.98 -11.83
C CYS A 271 -4.78 -8.46 -11.81
N ILE A 272 -4.76 -7.87 -13.01
CA ILE A 272 -4.89 -6.42 -13.13
C ILE A 272 -6.27 -5.96 -12.64
N GLN A 273 -7.31 -6.68 -13.04
CA GLN A 273 -8.68 -6.34 -12.62
C GLN A 273 -8.81 -6.41 -11.10
N PHE A 274 -8.30 -7.48 -10.48
CA PHE A 274 -8.33 -7.62 -9.03
C PHE A 274 -7.46 -6.56 -8.32
N SER A 275 -6.38 -6.15 -8.97
CA SER A 275 -5.44 -5.20 -8.36
C SER A 275 -5.98 -3.78 -8.36
N TYR A 276 -6.96 -3.51 -9.21
CA TYR A 276 -7.49 -2.17 -9.28
C TYR A 276 -9.01 -2.13 -9.40
N HIS A 277 -9.69 -2.40 -8.27
CA HIS A 277 -11.12 -2.18 -8.09
C HIS A 277 -12.06 -3.01 -8.94
N GLY A 278 -11.53 -4.02 -9.63
CA GLY A 278 -12.35 -4.83 -10.52
C GLY A 278 -12.66 -4.13 -11.84
N PHE A 279 -11.97 -3.03 -12.11
CA PHE A 279 -12.20 -2.26 -13.34
C PHE A 279 -11.65 -3.02 -14.55
N GLU A 280 -12.33 -2.84 -15.68
CA GLU A 280 -11.76 -3.22 -16.98
C GLU A 280 -10.35 -2.62 -17.08
N VAL A 281 -9.43 -3.40 -17.64
CA VAL A 281 -8.03 -3.00 -17.75
C VAL A 281 -7.95 -1.65 -18.45
N ASN A 282 -7.26 -0.70 -17.80
CA ASN A 282 -7.09 0.66 -18.31
C ASN A 282 -8.38 1.46 -18.56
N VAL A 283 -9.51 1.01 -18.00
CA VAL A 283 -10.75 1.78 -18.09
C VAL A 283 -11.32 2.04 -16.70
N LYS A 284 -11.07 3.24 -16.21
CA LYS A 284 -11.44 3.63 -14.86
C LYS A 284 -12.96 3.64 -14.66
N ASN A 285 -13.39 3.19 -13.47
CA ASN A 285 -14.79 3.32 -13.02
C ASN A 285 -15.74 2.34 -13.65
N LYS A 286 -15.24 1.49 -14.54
CA LYS A 286 -16.07 0.48 -15.19
C LYS A 286 -15.71 -0.92 -14.73
N LYS A 287 -16.50 -1.47 -13.81
CA LYS A 287 -16.24 -2.80 -13.26
C LYS A 287 -16.63 -3.91 -14.24
N VAL A 288 -15.79 -4.94 -14.29
CA VAL A 288 -16.10 -6.14 -15.09
C VAL A 288 -16.10 -7.43 -14.27
N ILE A 289 -15.55 -7.36 -13.05
CA ILE A 289 -15.72 -8.44 -12.07
C ILE A 289 -16.37 -7.87 -10.80
N ASN A 290 -16.77 -8.75 -9.89
CA ASN A 290 -17.61 -8.36 -8.76
C ASN A 290 -16.97 -7.32 -7.84
N PHE A 291 -15.68 -7.46 -7.57
CA PHE A 291 -14.97 -6.47 -6.78
C PHE A 291 -13.48 -6.55 -7.03
N GLY A 292 -12.74 -5.55 -6.58
CA GLY A 292 -11.30 -5.60 -6.61
C GLY A 292 -10.76 -4.80 -5.45
N PHE A 293 -9.44 -4.66 -5.41
CA PHE A 293 -8.76 -3.98 -4.33
C PHE A 293 -8.06 -2.74 -4.85
N ASN A 294 -7.49 -1.96 -3.94
CA ASN A 294 -6.65 -0.85 -4.32
C ASN A 294 -5.20 -1.25 -4.06
N SER A 295 -4.65 -2.08 -4.94
CA SER A 295 -3.42 -2.80 -4.61
C SER A 295 -2.34 -2.78 -5.67
N LYS A 296 -2.30 -1.76 -6.51
CA LYS A 296 -1.16 -1.58 -7.41
C LYS A 296 0.02 -0.96 -6.64
N MET A 297 1.23 -1.19 -7.14
CA MET A 297 2.40 -0.49 -6.64
C MET A 297 2.32 1.00 -7.01
N ASP A 298 2.85 1.88 -6.16
CA ASP A 298 2.88 3.32 -6.46
C ASP A 298 3.96 3.69 -7.48
N ASN A 299 3.63 4.62 -8.37
CA ASN A 299 4.60 5.18 -9.31
C ASN A 299 5.86 5.69 -8.60
N LEU A 300 5.68 6.35 -7.47
CA LEU A 300 6.84 6.87 -6.71
C LEU A 300 7.78 5.74 -6.27
N GLN A 301 7.23 4.65 -5.74
CA GLN A 301 8.07 3.52 -5.34
C GLN A 301 8.72 2.84 -6.55
N ALA A 302 8.03 2.79 -7.69
CA ALA A 302 8.63 2.22 -8.89
C ALA A 302 9.83 3.05 -9.35
N ALA A 303 9.75 4.37 -9.23
CA ALA A 303 10.92 5.21 -9.53
C ALA A 303 12.07 4.86 -8.59
N ILE A 304 11.75 4.59 -7.33
CA ILE A 304 12.77 4.25 -6.36
C ILE A 304 13.38 2.88 -6.69
N GLY A 305 12.51 1.92 -7.03
CA GLY A 305 12.96 0.57 -7.35
C GLY A 305 13.83 0.51 -8.59
N LEU A 306 13.52 1.34 -9.59
CA LEU A 306 14.37 1.48 -10.76
C LEU A 306 15.79 1.96 -10.43
N GLU A 307 15.96 2.67 -9.31
CA GLU A 307 17.29 3.02 -8.85
C GLU A 307 17.93 1.90 -8.02
N ARG A 308 17.21 1.40 -7.03
CA ARG A 308 17.73 0.37 -6.13
C ARG A 308 18.04 -0.96 -6.85
N MET A 309 17.29 -1.27 -7.89
CA MET A 309 17.52 -2.50 -8.67
C MET A 309 18.90 -2.55 -9.33
N LYS A 310 19.52 -1.40 -9.56
CA LYS A 310 20.87 -1.34 -10.10
C LYS A 310 21.94 -2.04 -9.25
N TYR A 311 21.63 -2.30 -7.99
CA TYR A 311 22.58 -2.89 -7.05
C TYR A 311 22.35 -4.38 -6.82
N LEU A 312 21.30 -4.92 -7.42
CA LEU A 312 20.83 -6.27 -7.11
C LEU A 312 21.87 -7.38 -7.38
N SER A 313 22.38 -7.44 -8.61
CA SER A 313 23.33 -8.49 -8.96
C SER A 313 24.56 -8.45 -8.08
N LEU A 314 25.07 -7.24 -7.85
CA LEU A 314 26.22 -7.04 -6.98
C LEU A 314 25.91 -7.50 -5.56
N ASN A 315 24.78 -7.06 -5.03
CA ASN A 315 24.34 -7.46 -3.69
C ASN A 315 24.11 -8.96 -3.53
N ASN A 316 23.45 -9.59 -4.51
CA ASN A 316 23.27 -11.04 -4.44
C ASN A 316 24.62 -11.78 -4.47
N PHE A 317 25.54 -11.35 -5.34
CA PHE A 317 26.88 -11.93 -5.35
C PHE A 317 27.56 -11.80 -3.98
N LYS A 318 27.53 -10.60 -3.41
CA LYS A 318 28.05 -10.40 -2.05
C LYS A 318 27.41 -11.36 -1.03
N ARG A 319 26.11 -11.63 -1.18
CA ARG A 319 25.44 -12.57 -0.30
C ARG A 319 26.00 -13.98 -0.44
N LEU A 320 26.21 -14.40 -1.70
CA LEU A 320 26.81 -15.70 -1.99
C LEU A 320 28.22 -15.78 -1.40
N PHE A 321 28.99 -14.70 -1.53
CA PHE A 321 30.37 -14.73 -1.04
C PHE A 321 30.37 -14.93 0.47
N LEU A 322 29.48 -14.20 1.14
CA LEU A 322 29.30 -14.36 2.58
C LEU A 322 28.89 -15.77 3.00
N ALA A 323 27.95 -16.35 2.27
CA ALA A 323 27.42 -17.68 2.62
C ALA A 323 28.52 -18.73 2.44
N ASP A 324 29.30 -18.56 1.37
CA ASP A 324 30.38 -19.49 1.05
C ASP A 324 31.50 -19.35 2.08
N ARG A 325 31.68 -18.15 2.59
CA ARG A 325 32.72 -17.90 3.57
C ARG A 325 32.31 -18.51 4.91
N TYR A 326 31.03 -18.43 5.25
CA TYR A 326 30.51 -19.10 6.44
C TYR A 326 30.71 -20.61 6.37
N ILE A 327 30.32 -21.19 5.24
CA ILE A 327 30.33 -22.64 5.06
C ILE A 327 31.74 -23.21 5.07
N THR A 328 32.67 -22.49 4.47
CA THR A 328 34.06 -22.91 4.43
C THR A 328 34.72 -22.75 5.81
N GLN A 329 34.55 -21.59 6.42
CA GLN A 329 35.22 -21.26 7.69
C GLN A 329 34.71 -22.06 8.89
N LEU A 330 33.44 -22.45 8.85
CA LEU A 330 32.81 -23.15 9.97
C LEU A 330 32.79 -24.67 9.77
N ALA A 331 33.41 -25.12 8.67
CA ALA A 331 33.42 -26.55 8.29
C ALA A 331 33.71 -27.52 9.43
N GLU A 332 34.70 -27.18 10.26
CA GLU A 332 35.12 -28.05 11.33
C GLU A 332 33.98 -28.36 12.30
N LEU A 333 33.14 -27.37 12.57
CA LEU A 333 32.03 -27.56 13.49
C LEU A 333 31.03 -28.57 12.94
N GLN A 334 30.94 -28.67 11.62
CA GLN A 334 30.08 -29.66 10.99
C GLN A 334 30.77 -31.01 10.88
N ASN A 335 32.04 -30.99 10.50
CA ASN A 335 32.84 -32.21 10.41
C ASN A 335 32.86 -32.98 11.74
N LYS A 336 33.01 -32.25 12.85
CA LYS A 336 32.97 -32.85 14.18
C LYS A 336 31.55 -33.08 14.69
N GLY A 337 30.56 -32.76 13.85
CA GLY A 337 29.16 -33.03 14.17
C GLY A 337 28.50 -32.12 15.19
N TYR A 338 29.05 -30.94 15.41
CA TYR A 338 28.45 -30.00 16.35
C TYR A 338 27.30 -29.18 15.74
N ILE A 339 27.37 -28.91 14.44
CA ILE A 339 26.29 -28.19 13.76
C ILE A 339 26.05 -28.76 12.37
N GLU A 340 24.99 -28.30 11.74
CA GLU A 340 24.80 -28.54 10.30
C GLU A 340 24.81 -27.20 9.57
N LEU A 341 25.49 -27.19 8.43
CA LEU A 341 25.63 -26.00 7.62
C LEU A 341 24.80 -26.20 6.36
N PRO A 342 24.29 -25.11 5.78
CA PRO A 342 23.54 -25.30 4.54
C PRO A 342 24.48 -25.76 3.43
N GLU A 343 23.95 -26.44 2.44
CA GLU A 343 24.76 -26.83 1.29
C GLU A 343 25.03 -25.65 0.38
N LEU A 344 26.26 -25.52 -0.09
CA LEU A 344 26.61 -24.48 -1.06
C LEU A 344 25.98 -24.83 -2.41
N SER A 345 24.81 -24.27 -2.68
CA SER A 345 24.05 -24.66 -3.86
C SER A 345 23.79 -23.50 -4.80
N GLU A 346 23.69 -23.83 -6.08
CA GLU A 346 23.35 -22.88 -7.13
C GLU A 346 21.94 -22.35 -7.01
N ASP A 347 21.07 -23.11 -6.36
CA ASP A 347 19.65 -22.76 -6.28
CA ASP A 347 19.66 -22.73 -6.30
C ASP A 347 19.31 -22.09 -4.95
N HIS A 348 20.12 -21.10 -4.56
CA HIS A 348 19.93 -20.37 -3.33
C HIS A 348 20.36 -18.92 -3.60
N VAL A 349 19.65 -17.95 -3.00
CA VAL A 349 20.09 -16.55 -3.08
C VAL A 349 20.40 -15.95 -1.71
N TRP A 350 20.30 -16.78 -0.68
CA TRP A 350 20.84 -16.43 0.65
C TRP A 350 20.23 -15.18 1.22
N HIS A 351 18.90 -15.11 1.19
CA HIS A 351 18.21 -14.04 1.89
C HIS A 351 18.47 -14.19 3.40
N LEU A 352 18.45 -15.42 3.88
CA LEU A 352 18.77 -15.72 5.27
C LEU A 352 19.76 -16.87 5.32
N PHE A 353 20.58 -16.90 6.37
CA PHE A 353 21.59 -17.95 6.51
C PHE A 353 21.26 -18.89 7.68
N PRO A 354 20.66 -20.05 7.38
CA PRO A 354 20.28 -20.98 8.46
C PRO A 354 21.31 -22.07 8.73
N ILE A 355 21.75 -22.16 9.97
CA ILE A 355 22.50 -23.33 10.40
C ILE A 355 21.58 -24.09 11.32
N LYS A 356 22.02 -25.26 11.75
CA LYS A 356 21.26 -26.05 12.72
C LYS A 356 22.12 -26.44 13.92
N VAL A 357 21.62 -26.14 15.12
CA VAL A 357 22.31 -26.55 16.35
C VAL A 357 21.42 -27.49 17.15
N ARG A 358 21.98 -28.10 18.20
CA ARG A 358 21.21 -28.98 19.07
C ARG A 358 20.03 -28.27 19.71
N THR A 359 18.86 -28.90 19.63
CA THR A 359 17.63 -28.39 20.22
C THR A 359 17.85 -27.89 21.66
N GLU A 360 18.52 -28.69 22.47
CA GLU A 360 18.66 -28.39 23.89
C GLU A 360 19.66 -27.26 24.16
N ASP A 361 20.47 -26.90 23.17
CA ASP A 361 21.52 -25.92 23.36
C ASP A 361 21.29 -24.56 22.72
N ARG A 362 20.28 -24.46 21.85
CA ARG A 362 20.10 -23.24 21.06
C ARG A 362 19.93 -21.98 21.91
N ALA A 363 19.10 -22.04 22.94
CA ALA A 363 18.87 -20.85 23.77
C ALA A 363 20.18 -20.38 24.40
N ASP A 364 20.94 -21.32 24.95
CA ASP A 364 22.22 -20.98 25.56
C ASP A 364 23.23 -20.44 24.52
N ILE A 365 23.28 -21.04 23.34
CA ILE A 365 24.16 -20.55 22.29
C ILE A 365 23.84 -19.10 21.96
N MET A 366 22.56 -18.80 21.74
CA MET A 366 22.14 -17.46 21.39
C MET A 366 22.49 -16.46 22.48
N THR A 367 22.26 -16.85 23.72
CA THR A 367 22.53 -15.99 24.86
C THR A 367 24.03 -15.73 25.01
N LYS A 368 24.82 -16.79 24.91
CA LYS A 368 26.26 -16.66 25.05
C LYS A 368 26.94 -15.87 23.92
N LEU A 369 26.42 -15.98 22.71
CA LEU A 369 26.92 -15.17 21.60
C LEU A 369 26.66 -13.71 21.88
N ASN A 370 25.44 -13.41 22.31
CA ASN A 370 25.05 -12.04 22.60
C ASN A 370 25.75 -11.47 23.84
N GLU A 371 25.68 -12.17 24.96
CA GLU A 371 26.22 -11.68 26.22
C GLU A 371 27.74 -11.56 26.24
N ASP A 372 28.42 -12.60 25.79
CA ASP A 372 29.88 -12.61 25.81
C ASP A 372 30.51 -11.87 24.64
N PHE A 373 29.89 -11.90 23.46
CA PHE A 373 30.53 -11.34 22.27
C PHE A 373 29.77 -10.25 21.53
N GLY A 374 28.60 -9.88 22.05
CA GLY A 374 27.78 -8.86 21.43
C GLY A 374 27.27 -9.29 20.07
N VAL A 375 27.27 -10.59 19.83
CA VAL A 375 26.84 -11.14 18.55
C VAL A 375 25.36 -11.49 18.60
N GLN A 376 24.57 -10.77 17.82
CA GLN A 376 23.13 -11.00 17.77
C GLN A 376 22.72 -12.00 16.68
N THR A 377 21.93 -12.99 17.06
CA THR A 377 21.36 -13.94 16.10
C THR A 377 19.85 -13.89 16.19
N ASP A 378 19.19 -14.74 15.41
CA ASP A 378 17.74 -14.74 15.42
C ASP A 378 17.19 -16.05 14.88
N VAL A 379 15.87 -16.20 14.99
CA VAL A 379 15.19 -17.38 14.46
C VAL A 379 13.94 -16.96 13.66
N TYR A 380 14.00 -17.15 12.36
CA TYR A 380 12.86 -16.88 11.48
C TYR A 380 12.17 -18.22 11.18
N TYR A 381 10.96 -18.46 11.69
CA TYR A 381 10.16 -17.56 12.49
C TYR A 381 9.82 -18.26 13.82
N PRO A 382 9.46 -17.49 14.87
CA PRO A 382 9.28 -18.09 16.20
C PRO A 382 8.10 -19.06 16.35
N ILE A 383 7.02 -18.85 15.62
CA ILE A 383 5.83 -19.68 15.79
C ILE A 383 5.35 -20.31 14.48
N LEU A 384 5.18 -21.62 14.50
CA LEU A 384 4.67 -22.34 13.33
C LEU A 384 3.17 -22.10 13.16
N SER A 385 2.71 -22.17 11.90
CA SER A 385 1.31 -21.89 11.54
C SER A 385 0.28 -22.67 12.37
N HIS A 386 0.52 -23.95 12.57
CA HIS A 386 -0.46 -24.79 13.24
C HIS A 386 -0.33 -24.72 14.75
N MET A 387 0.58 -23.86 15.22
CA MET A 387 0.80 -23.65 16.65
C MET A 387 0.38 -22.24 17.09
N GLN A 388 -0.07 -21.42 16.15
CA GLN A 388 -0.60 -20.11 16.53
C GLN A 388 -1.86 -20.29 17.38
N LYS A 389 -2.01 -19.45 18.39
CA LYS A 389 -3.16 -19.54 19.27
C LYS A 389 -4.36 -18.70 18.78
N THR A 390 -5.02 -19.18 17.74
CA THR A 390 -6.18 -18.51 17.17
C THR A 390 -7.37 -19.47 17.20
N PRO A 391 -8.60 -18.94 17.10
CA PRO A 391 -9.76 -19.83 17.07
C PRO A 391 -9.82 -20.78 15.87
N LEU A 392 -9.44 -20.30 14.69
CA LEU A 392 -9.36 -21.16 13.51
C LEU A 392 -8.41 -22.36 13.72
N VAL A 393 -7.26 -22.12 14.32
CA VAL A 393 -6.30 -23.19 14.56
C VAL A 393 -6.87 -24.25 15.50
N GLN A 394 -7.54 -23.79 16.55
CA GLN A 394 -8.11 -24.70 17.53
C GLN A 394 -9.27 -25.51 16.95
N ASP A 395 -10.03 -24.91 16.04
CA ASP A 395 -11.17 -25.57 15.45
C ASP A 395 -10.81 -26.47 14.27
N LYS A 396 -9.68 -26.21 13.62
CA LYS A 396 -9.38 -26.82 12.33
C LYS A 396 -8.11 -27.65 12.32
N TYR A 397 -7.11 -27.21 13.07
CA TYR A 397 -5.78 -27.81 12.97
C TYR A 397 -5.35 -28.51 14.23
N ALA A 398 -6.32 -28.88 15.07
CA ALA A 398 -6.06 -29.49 16.37
C ALA A 398 -5.42 -30.86 16.22
N GLY A 399 -4.31 -31.06 16.91
CA GLY A 399 -3.65 -32.37 16.92
C GLY A 399 -2.74 -32.63 15.74
N LEU A 400 -2.68 -31.68 14.79
CA LEU A 400 -1.80 -31.83 13.64
C LEU A 400 -0.35 -32.00 14.07
N GLN A 401 0.34 -32.97 13.49
CA GLN A 401 1.76 -33.19 13.79
C GLN A 401 2.57 -33.10 12.50
N LEU A 402 3.58 -32.25 12.53
CA LEU A 402 4.50 -32.14 11.40
C LEU A 402 5.90 -32.35 11.95
N VAL A 403 6.30 -33.62 11.99
CA VAL A 403 7.47 -34.04 12.75
C VAL A 403 8.76 -33.34 12.34
N HIS A 404 9.01 -33.28 11.04
CA HIS A 404 10.24 -32.69 10.53
C HIS A 404 10.23 -31.18 10.68
N THR A 405 9.07 -30.57 10.45
CA THR A 405 8.95 -29.11 10.57
C THR A 405 9.25 -28.70 12.00
N GLU A 406 8.63 -29.41 12.95
CA GLU A 406 8.74 -29.08 14.37
C GLU A 406 10.16 -29.30 14.90
N LYS A 407 10.79 -30.39 14.46
CA LYS A 407 12.18 -30.66 14.83
C LYS A 407 13.12 -29.59 14.29
N ALA A 408 13.02 -29.31 12.99
CA ALA A 408 13.89 -28.32 12.35
C ALA A 408 13.70 -26.94 12.96
N HIS A 409 12.45 -26.65 13.30
CA HIS A 409 12.04 -25.39 13.93
C HIS A 409 12.76 -25.17 15.26
N SER A 410 12.99 -26.26 15.99
CA SER A 410 13.66 -26.18 17.29
C SER A 410 15.17 -26.10 17.14
N GLN A 411 15.67 -26.37 15.93
CA GLN A 411 17.11 -26.47 15.69
C GLN A 411 17.72 -25.31 14.94
N VAL A 412 16.92 -24.62 14.13
CA VAL A 412 17.44 -23.64 13.18
C VAL A 412 17.93 -22.38 13.89
N LEU A 413 19.04 -21.83 13.39
CA LEU A 413 19.55 -20.58 13.91
C LEU A 413 20.11 -19.75 12.76
N HIS A 414 19.67 -18.51 12.67
CA HIS A 414 20.10 -17.65 11.58
C HIS A 414 21.27 -16.74 11.99
N LEU A 415 22.27 -16.67 11.12
CA LEU A 415 23.46 -15.86 11.37
C LEU A 415 23.36 -14.59 10.52
N PRO A 416 23.98 -13.50 11.00
CA PRO A 416 23.93 -12.23 10.27
C PRO A 416 24.43 -12.37 8.83
N LEU A 417 23.63 -11.90 7.88
CA LEU A 417 24.02 -11.94 6.48
C LEU A 417 23.20 -10.92 5.71
N TYR A 418 23.88 -9.90 5.20
CA TYR A 418 23.26 -8.93 4.30
C TYR A 418 24.38 -8.27 3.48
N PRO A 419 24.04 -7.63 2.35
CA PRO A 419 25.10 -7.17 1.44
C PRO A 419 26.13 -6.22 2.04
N SER A 420 25.74 -5.39 3.00
CA SER A 420 26.67 -4.40 3.58
C SER A 420 27.36 -4.88 4.85
N PHE A 421 27.13 -6.13 5.23
CA PHE A 421 27.80 -6.77 6.36
C PHE A 421 29.30 -6.77 6.06
N THR A 422 30.14 -6.67 7.09
CA THR A 422 31.59 -6.68 6.84
C THR A 422 32.22 -8.02 7.18
N LEU A 423 33.33 -8.32 6.51
CA LEU A 423 34.04 -9.56 6.77
C LEU A 423 34.63 -9.55 8.18
N GLU A 424 34.97 -8.37 8.70
CA GLU A 424 35.50 -8.31 10.06
C GLU A 424 34.43 -8.64 11.10
N GLU A 425 33.22 -8.13 10.89
CA GLU A 425 32.07 -8.54 11.69
C GLU A 425 31.82 -10.05 11.54
N GLN A 426 31.92 -10.56 10.31
CA GLN A 426 31.68 -11.98 10.10
C GLN A 426 32.71 -12.83 10.86
N ASP A 427 33.96 -12.37 10.88
CA ASP A 427 34.99 -13.05 11.67
C ASP A 427 34.56 -13.16 13.14
N ARG A 428 34.05 -12.06 13.69
CA ARG A 428 33.59 -12.05 15.07
C ARG A 428 32.41 -13.02 15.31
N VAL A 429 31.47 -13.05 14.37
CA VAL A 429 30.40 -14.05 14.43
C VAL A 429 30.98 -15.47 14.49
N MET A 430 31.93 -15.76 13.61
CA MET A 430 32.48 -17.12 13.47
C MET A 430 33.39 -17.56 14.62
N GLU A 431 34.31 -16.68 15.05
CA GLU A 431 35.13 -16.97 16.22
C GLU A 431 34.26 -17.12 17.47
N GLY A 432 33.26 -16.26 17.58
CA GLY A 432 32.28 -16.35 18.65
C GLY A 432 31.58 -17.70 18.69
N LEU A 433 31.12 -18.19 17.53
CA LEU A 433 30.47 -19.50 17.46
C LEU A 433 31.42 -20.63 17.89
N PHE A 434 32.67 -20.58 17.44
CA PHE A 434 33.65 -21.60 17.82
C PHE A 434 33.85 -21.61 19.34
N HIS A 435 34.08 -20.42 19.92
N HIS A 435 34.07 -20.42 19.92
CA HIS A 435 34.31 -20.30 21.37
CA HIS A 435 34.30 -20.28 21.35
C HIS A 435 33.11 -20.77 22.18
C HIS A 435 33.11 -20.70 22.21
N VAL A 436 31.90 -20.45 21.71
CA VAL A 436 30.70 -20.80 22.45
C VAL A 436 30.43 -22.31 22.43
N ILE A 437 30.60 -22.91 21.27
CA ILE A 437 30.34 -24.34 21.10
C ILE A 437 31.36 -25.21 21.82
N LYS A 438 32.64 -24.84 21.75
CA LYS A 438 33.68 -25.55 22.50
C LYS A 438 33.34 -25.56 23.99
N GLN A 439 33.07 -24.37 24.52
CA GLN A 439 32.64 -24.21 25.90
C GLN A 439 31.20 -24.67 26.10
N MET B 3 -16.85 44.44 23.41
CA MET B 3 -16.18 43.15 23.61
C MET B 3 -16.16 42.31 22.32
N GLN B 4 -14.97 42.03 21.83
CA GLN B 4 -14.80 41.38 20.53
C GLN B 4 -14.83 39.86 20.64
N LYS B 5 -15.70 39.22 19.86
CA LYS B 5 -15.65 37.78 19.71
C LYS B 5 -14.38 37.40 18.95
N GLN B 6 -13.61 36.48 19.52
CA GLN B 6 -12.44 35.93 18.86
C GLN B 6 -12.87 35.04 17.70
N VAL B 7 -12.09 35.04 16.64
CA VAL B 7 -12.35 34.13 15.53
C VAL B 7 -11.24 33.08 15.47
N LYS B 8 -11.60 31.89 15.96
CA LYS B 8 -10.67 30.77 16.03
C LYS B 8 -10.46 30.19 14.65
N ILE B 9 -9.20 30.11 14.25
CA ILE B 9 -8.84 29.49 12.98
C ILE B 9 -8.41 28.07 13.27
N SER B 10 -9.32 27.14 13.02
CA SER B 10 -9.03 25.73 13.21
C SER B 10 -8.68 25.12 11.86
N GLY B 11 -9.13 25.77 10.79
CA GLY B 11 -9.01 25.22 9.46
C GLY B 11 -10.18 24.32 9.10
N LYS B 12 -11.11 24.12 10.04
CA LYS B 12 -12.27 23.27 9.82
C LYS B 12 -13.34 24.03 9.04
N SER B 13 -14.35 23.31 8.57
CA SER B 13 -15.30 23.89 7.64
C SER B 13 -16.18 25.01 8.22
N LYS B 14 -16.70 24.82 9.42
CA LYS B 14 -17.53 25.85 10.06
C LYS B 14 -16.73 27.12 10.35
N GLU B 15 -15.53 26.95 10.89
CA GLU B 15 -14.67 28.07 11.21
C GLU B 15 -14.18 28.81 9.96
N ASN B 16 -13.90 28.07 8.88
CA ASN B 16 -13.50 28.69 7.64
C ASN B 16 -14.58 29.62 7.10
N MET B 17 -15.83 29.31 7.41
CA MET B 17 -16.93 30.14 6.93
C MET B 17 -16.92 31.55 7.53
N SER B 18 -16.56 31.67 8.81
CA SER B 18 -16.43 32.98 9.45
C SER B 18 -15.20 33.68 8.90
N LEU B 19 -14.12 32.90 8.75
CA LEU B 19 -12.84 33.41 8.26
C LEU B 19 -13.02 34.07 6.90
N LEU B 20 -13.86 33.47 6.07
CA LEU B 20 -14.16 34.01 4.73
C LEU B 20 -14.73 35.43 4.83
N LYS B 21 -15.72 35.61 5.70
CA LYS B 21 -16.25 36.94 5.94
C LYS B 21 -15.19 37.94 6.45
N HIS B 22 -14.36 37.51 7.39
CA HIS B 22 -13.34 38.40 7.97
C HIS B 22 -12.19 38.72 7.01
N LEU B 23 -11.79 37.75 6.19
CA LEU B 23 -10.71 37.98 5.24
C LEU B 23 -11.21 38.79 4.04
N LYS B 24 -12.53 38.88 3.89
CA LYS B 24 -13.11 39.77 2.91
C LYS B 24 -13.17 41.21 3.39
N GLY B 25 -13.17 41.41 4.71
CA GLY B 25 -13.25 42.74 5.30
C GLY B 25 -11.92 43.46 5.48
N ASP B 26 -11.98 44.72 5.93
CA ASP B 26 -10.79 45.59 5.99
C ASP B 26 -9.90 45.40 7.22
N VAL B 27 -10.54 45.13 8.35
CA VAL B 27 -9.82 44.95 9.61
C VAL B 27 -9.56 43.47 9.83
N GLN B 28 -8.30 43.10 9.93
CA GLN B 28 -7.92 41.73 10.15
C GLN B 28 -6.83 41.74 11.23
N GLY B 29 -7.25 41.85 12.48
CA GLY B 29 -6.31 41.99 13.57
C GLY B 29 -6.26 40.82 14.54
N LYS B 30 -6.01 41.16 15.79
CA LYS B 30 -5.75 40.17 16.86
C LYS B 30 -6.94 39.29 17.16
N GLU B 31 -8.13 39.72 16.74
CA GLU B 31 -9.32 38.92 16.91
C GLU B 31 -9.18 37.58 16.18
N LEU B 32 -8.38 37.56 15.11
CA LEU B 32 -8.09 36.34 14.35
C LEU B 32 -7.03 35.51 15.07
N VAL B 33 -7.45 34.41 15.68
CA VAL B 33 -6.51 33.60 16.44
C VAL B 33 -6.25 32.23 15.80
N ILE B 34 -4.99 32.02 15.42
CA ILE B 34 -4.57 30.81 14.73
C ILE B 34 -4.36 29.68 15.72
N GLU B 35 -5.15 28.62 15.61
CA GLU B 35 -4.93 27.49 16.51
C GLU B 35 -3.55 26.90 16.30
N ASP B 36 -2.89 26.59 17.41
CA ASP B 36 -1.54 26.07 17.38
C ASP B 36 -1.58 24.64 16.90
N SER B 37 -1.61 24.48 15.58
CA SER B 37 -1.65 23.17 14.95
C SER B 37 -0.83 23.15 13.66
N ILE B 38 -0.33 21.97 13.32
CA ILE B 38 0.51 21.79 12.16
C ILE B 38 -0.29 22.12 10.89
N VAL B 39 -1.60 21.87 10.90
CA VAL B 39 -2.44 22.14 9.74
C VAL B 39 -2.52 23.64 9.39
N ASN B 40 -2.15 24.49 10.35
CA ASN B 40 -2.24 25.93 10.20
C ASN B 40 -0.90 26.60 9.91
N GLU B 41 0.16 25.81 9.70
CA GLU B 41 1.51 26.38 9.60
C GLU B 41 1.65 27.41 8.49
N ARG B 42 1.08 27.14 7.32
CA ARG B 42 1.25 28.07 6.21
C ARG B 42 0.45 29.34 6.42
N TRP B 43 -0.59 29.27 7.26
CA TRP B 43 -1.37 30.47 7.61
C TRP B 43 -0.52 31.46 8.40
N LYS B 44 0.23 30.94 9.37
CA LYS B 44 1.10 31.76 10.23
C LYS B 44 1.85 32.85 9.51
N GLN B 45 2.46 32.52 8.38
CA GLN B 45 3.21 33.51 7.64
C GLN B 45 2.31 34.41 6.79
N VAL B 46 1.24 33.82 6.24
CA VAL B 46 0.34 34.57 5.38
C VAL B 46 -0.41 35.67 6.16
N LEU B 47 -0.79 35.36 7.39
CA LEU B 47 -1.68 36.22 8.17
C LEU B 47 -0.95 37.29 8.96
N LYS B 48 0.36 37.41 8.77
CA LYS B 48 1.12 38.44 9.45
C LYS B 48 0.75 39.83 8.93
N GLU B 49 0.26 39.89 7.70
CA GLU B 49 -0.20 41.16 7.12
C GLU B 49 -1.66 41.06 6.73
N LYS B 50 -2.30 42.21 6.54
CA LYS B 50 -3.65 42.28 6.00
C LYS B 50 -3.65 41.59 4.65
N ILE B 51 -4.72 40.85 4.35
CA ILE B 51 -4.83 40.05 3.15
C ILE B 51 -5.90 40.55 2.16
N ASP B 52 -5.53 40.68 0.89
CA ASP B 52 -6.50 40.72 -0.21
C ASP B 52 -6.49 39.33 -0.82
N ILE B 53 -7.60 38.63 -0.76
CA ILE B 53 -7.63 37.20 -1.10
C ILE B 53 -7.25 36.97 -2.56
N GLU B 54 -7.94 37.65 -3.46
CA GLU B 54 -7.68 37.53 -4.90
C GLU B 54 -6.20 37.71 -5.24
N HIS B 55 -5.58 38.77 -4.74
CA HIS B 55 -4.18 38.97 -5.06
C HIS B 55 -3.24 38.10 -4.25
N ASP B 56 -3.41 38.05 -2.94
CA ASP B 56 -2.38 37.44 -2.09
C ASP B 56 -2.44 35.92 -2.05
N LEU B 57 -3.63 35.34 -2.13
CA LEU B 57 -3.71 33.88 -2.14
C LEU B 57 -3.77 33.30 -3.56
N PHE B 58 -4.28 34.05 -4.53
CA PHE B 58 -4.50 33.52 -5.89
C PHE B 58 -3.66 34.18 -6.99
N ASN B 59 -2.99 35.28 -6.67
CA ASN B 59 -2.21 36.04 -7.63
C ASN B 59 -3.02 36.30 -8.90
N TYR B 60 -4.27 36.69 -8.68
CA TYR B 60 -5.22 36.98 -9.74
C TYR B 60 -4.58 37.85 -10.84
N GLN B 61 -4.59 37.34 -12.07
CA GLN B 61 -4.18 38.10 -13.24
C GLN B 61 -5.33 38.02 -14.21
N LYS B 62 -6.29 38.92 -14.10
CA LYS B 62 -7.47 38.89 -14.95
C LYS B 62 -7.11 38.99 -16.45
N ASN B 63 -6.00 39.67 -16.74
CA ASN B 63 -5.59 39.89 -18.14
C ASN B 63 -4.72 38.81 -18.75
N ARG B 64 -4.47 37.72 -18.03
CA ARG B 64 -3.70 36.62 -18.59
C ARG B 64 -4.61 35.77 -19.50
N GLU B 65 -4.24 35.66 -20.77
CA GLU B 65 -5.10 34.97 -21.72
C GLU B 65 -5.19 33.49 -21.40
N ILE B 66 -6.40 32.96 -21.45
CA ILE B 66 -6.60 31.55 -21.18
C ILE B 66 -7.33 30.87 -22.32
N SER B 67 -6.68 29.87 -22.90
CA SER B 67 -7.25 29.13 -24.03
C SER B 67 -7.72 27.72 -23.65
N LYS B 68 -7.12 27.13 -22.61
CA LYS B 68 -7.54 25.82 -22.11
C LYS B 68 -7.71 25.88 -20.60
N VAL B 69 -8.68 25.12 -20.09
CA VAL B 69 -8.82 24.92 -18.65
C VAL B 69 -8.97 23.43 -18.36
N PRO B 70 -7.85 22.78 -18.03
CA PRO B 70 -7.90 21.38 -17.61
C PRO B 70 -8.69 21.22 -16.32
N PHE B 71 -9.39 20.09 -16.19
CA PHE B 71 -10.18 19.84 -15.01
C PHE B 71 -9.27 19.65 -13.80
N LEU B 72 -8.21 18.87 -13.98
CA LEU B 72 -7.38 18.48 -12.84
C LEU B 72 -5.95 18.11 -13.25
N PRO B 73 -5.13 19.12 -13.55
CA PRO B 73 -3.74 18.86 -13.91
C PRO B 73 -2.93 18.44 -12.68
N VAL B 74 -2.47 17.20 -12.61
CA VAL B 74 -1.89 16.67 -11.37
C VAL B 74 -0.57 17.32 -10.99
N ASP B 75 0.16 17.84 -11.96
CA ASP B 75 1.40 18.56 -11.69
C ASP B 75 1.16 19.85 -10.90
N ARG B 76 -0.06 20.37 -10.94
CA ARG B 76 -0.38 21.58 -10.19
C ARG B 76 -0.98 21.30 -8.81
N LEU B 77 -1.23 20.03 -8.50
CA LEU B 77 -1.75 19.68 -7.18
C LEU B 77 -0.67 19.67 -6.11
N ILE B 78 0.59 19.71 -6.54
CA ILE B 78 1.71 19.80 -5.61
C ILE B 78 2.55 21.03 -5.99
N THR B 79 2.82 21.88 -5.01
CA THR B 79 3.50 23.15 -5.29
C THR B 79 4.99 23.01 -5.08
N ASN B 80 5.75 23.97 -5.62
CA ASN B 80 7.20 23.96 -5.47
C ASN B 80 7.65 23.95 -4.02
N ASP B 81 6.98 24.73 -3.18
CA ASP B 81 7.33 24.74 -1.75
C ASP B 81 7.08 23.39 -1.06
N GLU B 82 6.05 22.66 -1.49
CA GLU B 82 5.83 21.32 -0.94
C GLU B 82 6.95 20.38 -1.37
N VAL B 83 7.32 20.47 -2.65
CA VAL B 83 8.42 19.67 -3.18
C VAL B 83 9.73 19.91 -2.41
N GLU B 84 10.10 21.17 -2.23
CA GLU B 84 11.28 21.52 -1.42
C GLU B 84 11.15 20.97 0.02
N ASP B 85 9.98 21.17 0.63
CA ASP B 85 9.73 20.63 1.97
C ASP B 85 9.92 19.10 2.01
N ILE B 86 9.35 18.42 1.02
CA ILE B 86 9.40 16.96 0.97
C ILE B 86 10.82 16.46 0.73
N LEU B 87 11.51 17.10 -0.22
CA LEU B 87 12.91 16.76 -0.48
C LEU B 87 13.76 16.93 0.76
N ASN B 88 13.49 17.98 1.53
CA ASN B 88 14.20 18.21 2.78
C ASN B 88 13.99 17.12 3.81
N THR B 89 12.73 16.70 4.01
CA THR B 89 12.47 15.65 5.01
C THR B 89 13.03 14.30 4.59
N LEU B 90 13.02 14.04 3.28
CA LEU B 90 13.49 12.75 2.75
C LEU B 90 15.00 12.61 2.88
N THR B 91 15.68 13.75 2.79
CA THR B 91 17.11 13.84 3.06
C THR B 91 17.45 13.30 4.46
N GLU B 92 16.54 13.49 5.40
CA GLU B 92 16.73 12.94 6.75
C GLU B 92 16.16 11.52 6.90
N VAL B 93 15.01 11.25 6.28
CA VAL B 93 14.40 9.93 6.44
C VAL B 93 15.19 8.80 5.76
N LEU B 94 15.64 9.01 4.53
CA LEU B 94 16.27 7.93 3.74
C LEU B 94 17.43 7.22 4.43
N PRO B 95 18.41 7.97 4.99
CA PRO B 95 19.54 7.29 5.64
C PRO B 95 19.15 6.51 6.89
N THR B 96 17.95 6.72 7.44
CA THR B 96 17.54 5.97 8.62
C THR B 96 17.27 4.52 8.25
N GLY B 97 16.97 4.29 6.97
CA GLY B 97 16.62 2.96 6.49
C GLY B 97 15.26 2.46 6.97
N LYS B 98 14.47 3.35 7.58
CA LYS B 98 13.15 2.96 8.10
C LYS B 98 12.04 3.50 7.23
N PHE B 99 11.38 2.62 6.49
CA PHE B 99 10.49 3.03 5.43
C PHE B 99 9.09 2.45 5.62
N THR B 100 8.99 1.32 6.32
CA THR B 100 7.69 0.76 6.65
C THR B 100 7.26 1.20 8.05
N SER B 101 7.70 0.49 9.08
CA SER B 101 7.50 0.96 10.44
C SER B 101 8.46 2.10 10.76
N GLY B 102 8.10 2.97 11.70
CA GLY B 102 8.99 4.04 12.11
C GLY B 102 8.34 5.17 12.91
N PRO B 103 9.14 6.15 13.34
CA PRO B 103 8.66 7.22 14.24
C PRO B 103 7.84 8.30 13.53
N TYR B 104 7.96 8.43 12.21
CA TYR B 104 7.14 9.43 11.53
C TYR B 104 5.71 8.92 11.44
N LEU B 105 5.57 7.61 11.26
CA LEU B 105 4.25 6.99 11.26
C LEU B 105 3.51 7.23 12.59
N GLU B 106 4.20 6.99 13.70
CA GLU B 106 3.63 7.21 15.02
C GLU B 106 3.29 8.67 15.25
N GLN B 107 4.19 9.57 14.88
CA GLN B 107 3.95 10.99 15.03
C GLN B 107 2.77 11.46 14.18
N PHE B 108 2.70 10.96 12.94
CA PHE B 108 1.58 11.27 12.02
C PHE B 108 0.23 10.88 12.62
N GLU B 109 0.17 9.71 13.25
CA GLU B 109 -1.07 9.25 13.89
C GLU B 109 -1.49 10.10 15.09
N LYS B 110 -0.53 10.54 15.91
CA LYS B 110 -0.81 11.45 17.03
C LYS B 110 -1.38 12.79 16.56
N VAL B 111 -0.72 13.36 15.56
CA VAL B 111 -1.16 14.62 14.97
C VAL B 111 -2.59 14.54 14.40
N LEU B 112 -2.91 13.45 13.69
CA LEU B 112 -4.27 13.25 13.19
C LEU B 112 -5.25 13.11 14.34
N SER B 113 -4.83 12.38 15.37
CA SER B 113 -5.66 12.12 16.54
C SER B 113 -6.11 13.44 17.17
N THR B 114 -5.17 14.36 17.27
CA THR B 114 -5.40 15.66 17.88
C THR B 114 -6.26 16.51 16.96
N TYR B 115 -5.95 16.47 15.68
CA TYR B 115 -6.71 17.23 14.68
C TYR B 115 -8.15 16.74 14.58
N LEU B 116 -8.35 15.42 14.62
CA LEU B 116 -9.70 14.89 14.50
C LEU B 116 -10.47 14.83 15.82
N HIS B 117 -9.78 15.05 16.94
N HIS B 117 -9.77 15.04 16.94
CA HIS B 117 -10.37 14.84 18.25
CA HIS B 117 -10.35 14.83 18.27
C HIS B 117 -10.90 13.40 18.36
C HIS B 117 -10.89 13.41 18.38
N LYS B 118 -10.06 12.45 18.00
CA LYS B 118 -10.39 11.04 18.12
C LYS B 118 -9.23 10.41 18.87
N ARG B 119 -9.52 9.51 19.79
CA ARG B 119 -8.48 9.00 20.68
C ARG B 119 -7.48 8.08 19.97
N TYR B 120 -7.97 7.31 18.99
CA TYR B 120 -7.12 6.35 18.30
C TYR B 120 -7.18 6.54 16.80
N VAL B 121 -6.00 6.65 16.20
CA VAL B 121 -5.86 6.70 14.76
C VAL B 121 -4.91 5.61 14.31
N ILE B 122 -5.38 4.81 13.36
CA ILE B 122 -4.61 3.73 12.76
C ILE B 122 -4.42 4.10 11.30
N ALA B 123 -3.20 4.52 10.93
CA ALA B 123 -2.93 4.92 9.56
C ALA B 123 -2.75 3.68 8.67
N THR B 124 -3.36 3.71 7.49
CA THR B 124 -3.41 2.52 6.63
C THR B 124 -2.79 2.78 5.26
N SER B 125 -2.71 1.74 4.45
CA SER B 125 -2.06 1.83 3.15
C SER B 125 -2.97 2.40 2.06
N SER B 126 -4.25 2.56 2.38
CA SER B 126 -5.20 3.27 1.51
C SER B 126 -6.53 3.49 2.23
N GLY B 127 -7.36 4.40 1.72
CA GLY B 127 -8.71 4.59 2.22
C GLY B 127 -9.55 3.32 2.04
N THR B 128 -9.33 2.60 0.95
CA THR B 128 -10.04 1.34 0.69
C THR B 128 -9.76 0.32 1.80
N ASP B 129 -8.50 0.21 2.19
CA ASP B 129 -8.10 -0.69 3.26
C ASP B 129 -8.69 -0.29 4.62
N ALA B 130 -8.73 1.03 4.88
CA ALA B 130 -9.34 1.58 6.10
C ALA B 130 -10.80 1.13 6.27
N ILE B 131 -11.60 1.32 5.22
CA ILE B 131 -12.98 0.84 5.22
C ILE B 131 -13.06 -0.67 5.44
N MET B 132 -12.28 -1.44 4.67
CA MET B 132 -12.31 -2.90 4.73
C MET B 132 -11.93 -3.42 6.11
N ILE B 133 -10.84 -2.91 6.65
CA ILE B 133 -10.41 -3.27 8.00
C ILE B 133 -11.40 -2.79 9.07
N GLY B 134 -11.98 -1.60 8.86
CA GLY B 134 -12.97 -1.08 9.79
C GLY B 134 -14.21 -1.97 9.93
N LEU B 135 -14.75 -2.42 8.80
CA LEU B 135 -15.89 -3.32 8.81
C LEU B 135 -15.58 -4.62 9.55
N LEU B 136 -14.42 -5.19 9.27
CA LEU B 136 -14.00 -6.42 9.91
C LEU B 136 -13.78 -6.24 11.41
N ALA B 137 -13.15 -5.14 11.80
CA ALA B 137 -12.89 -4.84 13.19
C ALA B 137 -14.20 -4.63 13.95
N LEU B 138 -15.20 -4.10 13.26
CA LEU B 138 -16.52 -3.91 13.85
C LEU B 138 -17.31 -5.23 13.94
N GLY B 139 -16.76 -6.30 13.38
CA GLY B 139 -17.36 -7.62 13.53
C GLY B 139 -18.16 -8.12 12.32
N LEU B 140 -17.86 -7.58 11.14
CA LEU B 140 -18.59 -8.01 9.95
C LEU B 140 -18.32 -9.48 9.64
N ASN B 141 -19.40 -10.25 9.48
CA ASN B 141 -19.32 -11.63 9.01
C ASN B 141 -19.94 -11.72 7.62
N PRO B 142 -19.48 -12.69 6.81
CA PRO B 142 -20.04 -12.94 5.48
C PRO B 142 -21.57 -13.02 5.49
N GLY B 143 -22.20 -12.28 4.58
CA GLY B 143 -23.64 -12.22 4.51
C GLY B 143 -24.25 -11.03 5.24
N ASP B 144 -23.49 -10.41 6.16
CA ASP B 144 -23.96 -9.20 6.84
C ASP B 144 -24.28 -8.11 5.83
N GLU B 145 -25.42 -7.43 6.02
CA GLU B 145 -25.82 -6.35 5.13
C GLU B 145 -25.32 -4.97 5.59
N VAL B 146 -24.87 -4.19 4.61
CA VAL B 146 -24.37 -2.84 4.83
C VAL B 146 -25.17 -1.87 3.98
N ILE B 147 -25.91 -0.99 4.63
CA ILE B 147 -26.70 -0.01 3.90
C ILE B 147 -25.82 1.16 3.46
N MET B 148 -25.91 1.54 2.19
CA MET B 148 -25.00 2.53 1.63
C MET B 148 -25.61 3.17 0.37
N PRO B 149 -25.06 4.30 -0.11
CA PRO B 149 -25.57 4.85 -1.37
C PRO B 149 -24.91 4.15 -2.58
N ALA B 150 -25.49 4.34 -3.77
CA ALA B 150 -24.96 3.69 -4.97
C ALA B 150 -24.14 4.63 -5.86
N ASN B 151 -23.99 5.88 -5.42
CA ASN B 151 -23.30 6.88 -6.24
C ASN B 151 -21.85 7.19 -5.83
N SER B 152 -21.28 6.40 -4.93
CA SER B 152 -19.91 6.65 -4.49
C SER B 152 -18.88 6.11 -5.47
N PHE B 153 -17.61 6.44 -5.27
CA PHE B 153 -16.54 5.77 -6.01
C PHE B 153 -16.58 4.28 -5.68
N SER B 154 -16.15 3.44 -6.63
CA SER B 154 -16.36 1.99 -6.50
C SER B 154 -15.64 1.37 -5.31
N ALA B 155 -14.68 2.11 -4.73
CA ALA B 155 -13.90 1.58 -3.62
C ALA B 155 -14.78 1.29 -2.39
N THR B 156 -15.84 2.07 -2.21
CA THR B 156 -16.71 1.93 -1.05
C THR B 156 -17.40 0.58 -1.07
N GLU B 157 -18.04 0.24 -2.19
CA GLU B 157 -18.68 -1.07 -2.33
C GLU B 157 -17.65 -2.22 -2.34
N ASN B 158 -16.47 -1.99 -2.92
CA ASN B 158 -15.44 -3.02 -2.96
C ASN B 158 -14.96 -3.42 -1.56
N ALA B 159 -14.80 -2.43 -0.70
CA ALA B 159 -14.43 -2.69 0.70
C ALA B 159 -15.47 -3.58 1.40
N VAL B 160 -16.75 -3.34 1.13
CA VAL B 160 -17.78 -4.19 1.71
C VAL B 160 -17.68 -5.61 1.12
N LEU B 161 -17.59 -5.67 -0.20
CA LEU B 161 -17.57 -6.95 -0.89
C LEU B 161 -16.32 -7.77 -0.58
N ALA B 162 -15.17 -7.10 -0.52
CA ALA B 162 -13.91 -7.80 -0.29
C ALA B 162 -13.90 -8.51 1.05
N SER B 163 -14.49 -7.90 2.06
CA SER B 163 -14.51 -8.53 3.38
C SER B 163 -15.72 -9.43 3.61
N GLY B 164 -16.49 -9.70 2.56
CA GLY B 164 -17.58 -10.66 2.61
C GLY B 164 -18.99 -10.08 2.77
N GLY B 165 -19.07 -8.76 2.95
CA GLY B 165 -20.34 -8.10 3.20
C GLY B 165 -21.26 -8.01 2.00
N VAL B 166 -22.51 -7.62 2.26
CA VAL B 166 -23.53 -7.46 1.23
C VAL B 166 -24.04 -6.02 1.21
N PRO B 167 -23.72 -5.28 0.14
CA PRO B 167 -24.22 -3.91 -0.05
C PRO B 167 -25.74 -3.90 -0.24
N ILE B 168 -26.41 -3.01 0.46
CA ILE B 168 -27.83 -2.81 0.28
C ILE B 168 -27.98 -1.34 -0.08
N TYR B 169 -28.30 -1.05 -1.34
CA TYR B 169 -28.33 0.33 -1.82
C TYR B 169 -29.63 1.04 -1.48
N VAL B 170 -29.50 2.31 -1.14
CA VAL B 170 -30.60 3.16 -0.74
C VAL B 170 -30.44 4.54 -1.39
N ASP B 171 -31.55 5.18 -1.75
CA ASP B 171 -31.55 6.45 -2.48
C ASP B 171 -30.89 7.60 -1.72
N ILE B 172 -30.40 8.58 -2.49
CA ILE B 172 -29.79 9.76 -1.93
C ILE B 172 -30.76 10.93 -1.86
N ASN B 173 -30.40 11.94 -1.09
CA ASN B 173 -31.01 13.24 -1.25
C ASN B 173 -30.47 13.87 -2.54
N PRO B 174 -31.36 14.20 -3.50
CA PRO B 174 -30.89 14.66 -4.81
C PRO B 174 -30.21 16.03 -4.80
N GLN B 175 -30.38 16.83 -3.73
CA GLN B 175 -29.65 18.09 -3.65
C GLN B 175 -28.29 17.99 -2.94
N THR B 176 -28.16 17.09 -1.97
CA THR B 176 -26.91 16.97 -1.22
C THR B 176 -26.01 15.88 -1.79
N PHE B 177 -26.61 14.98 -2.58
CA PHE B 177 -25.95 13.80 -3.16
C PHE B 177 -25.55 12.76 -2.11
N CYS B 178 -26.01 12.97 -0.88
CA CYS B 178 -25.72 12.06 0.23
C CYS B 178 -26.91 11.16 0.53
N ILE B 179 -26.62 10.04 1.17
CA ILE B 179 -27.63 9.05 1.53
C ILE B 179 -28.79 9.72 2.28
N ASP B 180 -30.00 9.44 1.80
CA ASP B 180 -31.20 10.04 2.38
C ASP B 180 -31.59 9.26 3.63
N PRO B 181 -31.41 9.88 4.81
CA PRO B 181 -31.67 9.12 6.05
C PRO B 181 -33.14 8.73 6.16
N ASP B 182 -34.01 9.37 5.39
CA ASP B 182 -35.41 8.98 5.37
C ASP B 182 -35.72 7.75 4.51
N LYS B 183 -34.71 7.20 3.85
CA LYS B 183 -34.89 5.97 3.05
C LYS B 183 -34.20 4.79 3.70
N ILE B 184 -33.52 5.03 4.82
CA ILE B 184 -32.66 4.02 5.43
C ILE B 184 -33.47 2.95 6.17
N GLU B 185 -34.40 3.39 7.02
CA GLU B 185 -35.21 2.48 7.80
C GLU B 185 -35.95 1.43 6.95
N GLU B 186 -36.48 1.85 5.81
CA GLU B 186 -37.12 0.95 4.85
C GLU B 186 -36.29 -0.30 4.54
N ALA B 187 -34.97 -0.13 4.45
CA ALA B 187 -34.09 -1.17 3.91
C ALA B 187 -33.56 -2.11 4.97
N ILE B 188 -33.83 -1.80 6.22
CA ILE B 188 -33.37 -2.63 7.33
C ILE B 188 -34.07 -4.00 7.34
N THR B 189 -33.29 -5.06 7.53
CA THR B 189 -33.80 -6.42 7.66
C THR B 189 -33.06 -7.03 8.87
N PRO B 190 -33.40 -8.27 9.25
CA PRO B 190 -32.61 -8.87 10.34
C PRO B 190 -31.13 -9.09 10.01
N TYR B 191 -30.75 -9.03 8.74
CA TYR B 191 -29.34 -9.18 8.38
C TYR B 191 -28.55 -7.86 8.35
N THR B 192 -29.23 -6.74 8.56
CA THR B 192 -28.54 -5.44 8.54
C THR B 192 -27.70 -5.31 9.80
N LYS B 193 -26.44 -4.94 9.63
CA LYS B 193 -25.58 -4.69 10.77
C LYS B 193 -24.89 -3.33 10.68
N PHE B 194 -24.85 -2.74 9.50
CA PHE B 194 -24.07 -1.52 9.29
C PHE B 194 -24.80 -0.48 8.47
N ILE B 195 -24.48 0.77 8.74
CA ILE B 195 -24.81 1.85 7.83
C ILE B 195 -23.48 2.48 7.44
N LEU B 196 -23.28 2.68 6.15
CA LEU B 196 -22.03 3.23 5.66
C LEU B 196 -22.32 4.45 4.80
N PRO B 197 -22.48 5.62 5.44
CA PRO B 197 -22.72 6.85 4.70
C PRO B 197 -21.43 7.39 4.09
N VAL B 198 -21.57 8.10 2.98
CA VAL B 198 -20.42 8.66 2.29
C VAL B 198 -20.58 10.16 2.23
N HIS B 199 -19.55 10.90 2.63
CA HIS B 199 -19.58 12.35 2.53
C HIS B 199 -19.07 12.74 1.17
N LEU B 200 -19.96 12.61 0.18
CA LEU B 200 -19.62 12.68 -1.22
C LEU B 200 -19.28 14.09 -1.63
N TYR B 201 -18.17 14.24 -2.36
CA TYR B 201 -17.69 15.52 -2.88
C TYR B 201 -17.22 16.48 -1.76
N GLY B 202 -17.16 15.98 -0.53
CA GLY B 202 -16.78 16.81 0.61
C GLY B 202 -17.97 17.30 1.43
N LYS B 203 -19.18 16.94 1.02
CA LYS B 203 -20.40 17.34 1.73
C LYS B 203 -20.72 16.37 2.88
N HIS B 204 -20.92 16.91 4.07
CA HIS B 204 -21.26 16.10 5.24
C HIS B 204 -22.68 15.47 5.16
N SER B 205 -22.77 14.15 5.37
CA SER B 205 -24.09 13.50 5.46
C SER B 205 -24.80 13.89 6.76
N ASP B 206 -26.10 13.64 6.83
CA ASP B 206 -26.94 13.97 7.97
C ASP B 206 -26.73 12.95 9.08
N MET B 207 -25.61 13.08 9.79
CA MET B 207 -25.14 12.04 10.69
C MET B 207 -25.99 11.89 11.96
N GLN B 208 -26.54 12.99 12.44
CA GLN B 208 -27.37 12.94 13.66
C GLN B 208 -28.62 12.09 13.41
N HIS B 209 -29.27 12.33 12.28
CA HIS B 209 -30.43 11.52 11.92
C HIS B 209 -30.01 10.05 11.69
N ILE B 210 -28.87 9.85 11.04
CA ILE B 210 -28.42 8.48 10.76
C ILE B 210 -28.12 7.71 12.06
N ARG B 211 -27.51 8.39 13.03
CA ARG B 211 -27.19 7.79 14.31
C ARG B 211 -28.46 7.44 15.10
N GLN B 212 -29.48 8.27 14.97
CA GLN B 212 -30.77 7.97 15.60
C GLN B 212 -31.36 6.67 15.08
N ILE B 213 -31.34 6.49 13.76
CA ILE B 213 -31.84 5.25 13.19
C ILE B 213 -30.99 4.08 13.65
N ALA B 214 -29.68 4.29 13.67
CA ALA B 214 -28.74 3.23 14.06
C ALA B 214 -28.88 2.81 15.52
N ASN B 215 -29.09 3.79 16.41
CA ASN B 215 -29.34 3.49 17.82
C ASN B 215 -30.63 2.67 17.95
N ARG B 216 -31.66 3.11 17.24
CA ARG B 216 -32.97 2.44 17.27
C ARG B 216 -32.86 0.97 16.86
N TYR B 217 -32.06 0.67 15.84
CA TYR B 217 -31.96 -0.69 15.35
C TYR B 217 -30.67 -1.43 15.75
N LYS B 218 -29.91 -0.83 16.68
CA LYS B 218 -28.63 -1.39 17.12
C LYS B 218 -27.69 -1.67 15.94
N LEU B 219 -27.57 -0.72 15.02
CA LEU B 219 -26.61 -0.88 13.93
C LEU B 219 -25.31 -0.13 14.25
N LYS B 220 -24.21 -0.58 13.64
CA LYS B 220 -22.93 0.11 13.73
C LYS B 220 -22.81 1.13 12.60
N VAL B 221 -22.11 2.24 12.85
CA VAL B 221 -21.92 3.26 11.82
C VAL B 221 -20.44 3.46 11.48
N ILE B 222 -20.09 3.18 10.23
CA ILE B 222 -18.75 3.47 9.74
C ILE B 222 -18.89 4.43 8.58
N GLU B 223 -18.25 5.58 8.65
CA GLU B 223 -18.44 6.58 7.62
C GLU B 223 -17.27 6.65 6.66
N ASP B 224 -17.60 6.80 5.38
CA ASP B 224 -16.59 6.99 4.36
C ASP B 224 -16.40 8.49 4.21
N ALA B 225 -15.38 9.00 4.90
CA ALA B 225 -15.05 10.43 4.83
C ALA B 225 -13.78 10.62 4.01
N CYS B 226 -13.54 9.71 3.07
CA CYS B 226 -12.32 9.78 2.28
C CYS B 226 -12.16 11.11 1.52
N GLN B 227 -13.27 11.78 1.22
CA GLN B 227 -13.20 13.09 0.55
C GLN B 227 -13.52 14.25 1.51
N GLY B 228 -13.63 13.97 2.81
CA GLY B 228 -14.14 14.97 3.72
C GLY B 228 -13.21 15.51 4.80
N ILE B 229 -11.89 15.38 4.62
CA ILE B 229 -11.00 15.92 5.64
C ILE B 229 -11.25 17.41 5.85
N GLY B 230 -11.40 17.80 7.11
CA GLY B 230 -11.64 19.20 7.46
C GLY B 230 -13.07 19.52 7.88
N LEU B 231 -13.99 18.59 7.65
CA LEU B 231 -15.39 18.80 8.08
C LEU B 231 -15.51 19.00 9.59
N THR B 232 -16.22 20.05 9.99
CA THR B 232 -16.45 20.29 11.41
C THR B 232 -17.27 19.14 12.00
N ASP B 233 -16.83 18.63 13.15
CA ASP B 233 -17.51 17.53 13.86
C ASP B 233 -17.45 16.18 13.14
N LEU B 234 -16.46 15.99 12.28
CA LEU B 234 -16.26 14.73 11.61
C LEU B 234 -16.15 13.61 12.64
N GLY B 235 -16.96 12.57 12.49
CA GLY B 235 -16.87 11.43 13.39
C GLY B 235 -17.64 11.54 14.70
N LYS B 236 -18.29 12.68 14.93
CA LYS B 236 -19.06 12.85 16.17
C LYS B 236 -20.02 11.70 16.42
N TYR B 237 -20.78 11.31 15.39
CA TYR B 237 -21.79 10.28 15.53
C TYR B 237 -21.41 8.90 14.93
N ALA B 238 -20.17 8.72 14.50
CA ALA B 238 -19.76 7.45 13.90
C ALA B 238 -18.93 6.57 14.84
N ASP B 239 -19.10 5.26 14.72
CA ASP B 239 -18.23 4.34 15.44
C ASP B 239 -16.82 4.34 14.84
N ILE B 240 -16.74 4.35 13.51
CA ILE B 240 -15.46 4.45 12.82
C ILE B 240 -15.51 5.51 11.72
N THR B 241 -14.46 6.34 11.66
CA THR B 241 -14.27 7.25 10.55
C THR B 241 -13.10 6.79 9.66
N THR B 242 -13.30 6.81 8.34
CA THR B 242 -12.24 6.44 7.42
C THR B 242 -11.82 7.63 6.55
N LEU B 243 -10.52 7.76 6.32
CA LEU B 243 -9.97 8.84 5.52
C LEU B 243 -9.08 8.25 4.43
N SER B 244 -8.93 8.98 3.32
CA SER B 244 -7.93 8.67 2.30
C SER B 244 -6.92 9.83 2.22
N PHE B 245 -5.65 9.49 2.01
CA PHE B 245 -4.60 10.50 1.80
C PHE B 245 -3.96 10.32 0.42
N ASN B 246 -4.76 9.82 -0.52
N ASN B 246 -4.73 9.79 -0.54
CA ASN B 246 -4.39 9.75 -1.95
CA ASN B 246 -4.18 9.68 -1.88
C ASN B 246 -3.94 11.15 -2.43
C ASN B 246 -3.93 11.09 -2.44
N PRO B 247 -3.02 11.21 -3.43
CA PRO B 247 -2.57 12.53 -3.89
C PRO B 247 -3.65 13.52 -4.38
N TYR B 248 -4.84 13.03 -4.76
CA TYR B 248 -5.91 13.90 -5.27
C TYR B 248 -6.80 14.49 -4.18
N LYS B 249 -6.62 14.07 -2.93
CA LYS B 249 -7.54 14.50 -1.87
C LYS B 249 -7.20 15.91 -1.38
N ASN B 250 -8.12 16.52 -0.62
CA ASN B 250 -7.87 17.83 -0.01
C ASN B 250 -6.54 17.87 0.75
N PHE B 251 -6.22 16.74 1.37
CA PHE B 251 -4.90 16.53 1.92
C PHE B 251 -4.45 15.14 1.53
N GLY B 252 -3.31 15.06 0.85
CA GLY B 252 -2.77 13.79 0.39
C GLY B 252 -1.27 13.68 0.57
N VAL B 253 -0.75 12.46 0.47
CA VAL B 253 0.69 12.26 0.54
C VAL B 253 1.21 12.07 -0.90
N CYS B 254 2.30 11.32 -1.09
CA CYS B 254 2.84 11.09 -2.42
C CYS B 254 2.81 9.60 -2.75
N GLY B 255 1.60 9.02 -2.71
CA GLY B 255 1.40 7.59 -2.84
C GLY B 255 0.06 7.24 -2.20
N LYS B 256 -0.20 5.96 -1.99
CA LYS B 256 -1.47 5.57 -1.37
C LYS B 256 -1.35 5.56 0.14
N ALA B 257 -2.41 6.01 0.81
CA ALA B 257 -2.47 5.95 2.27
C ALA B 257 -3.88 6.31 2.71
N GLY B 258 -4.22 5.97 3.95
CA GLY B 258 -5.48 6.40 4.53
C GLY B 258 -5.43 6.30 6.05
N ALA B 259 -6.58 6.42 6.70
CA ALA B 259 -6.64 6.24 8.15
C ALA B 259 -7.99 5.75 8.65
N ILE B 260 -7.95 5.04 9.77
CA ILE B 260 -9.15 4.74 10.57
C ILE B 260 -9.08 5.56 11.85
N ALA B 261 -10.18 6.20 12.24
CA ALA B 261 -10.22 6.92 13.51
C ALA B 261 -11.42 6.47 14.34
N THR B 262 -11.18 6.31 15.63
CA THR B 262 -12.22 5.85 16.57
C THR B 262 -11.89 6.25 18.01
N ASP B 263 -12.92 6.39 18.83
CA ASP B 263 -12.76 6.66 20.25
C ASP B 263 -12.73 5.37 21.07
N ASN B 264 -13.10 4.25 20.43
CA ASN B 264 -13.21 2.97 21.12
C ASN B 264 -11.93 2.15 21.13
N GLU B 265 -11.42 1.87 22.32
CA GLU B 265 -10.11 1.24 22.45
C GLU B 265 -10.08 -0.21 21.98
N GLU B 266 -11.14 -0.94 22.28
CA GLU B 266 -11.22 -2.34 21.89
C GLU B 266 -11.31 -2.44 20.38
N LEU B 267 -12.03 -1.50 19.77
CA LEU B 267 -12.16 -1.44 18.33
C LEU B 267 -10.83 -1.07 17.66
N ALA B 268 -10.12 -0.12 18.27
CA ALA B 268 -8.82 0.32 17.78
C ALA B 268 -7.83 -0.83 17.70
N LYS B 269 -7.82 -1.64 18.75
CA LYS B 269 -6.93 -2.78 18.89
C LYS B 269 -7.18 -3.77 17.75
N LYS B 270 -8.45 -4.07 17.50
CA LYS B 270 -8.82 -4.95 16.40
C LYS B 270 -8.36 -4.40 15.05
N CYS B 271 -8.53 -3.09 14.84
CA CYS B 271 -8.04 -2.45 13.62
C CYS B 271 -6.54 -2.68 13.48
N ILE B 272 -5.80 -2.42 14.55
CA ILE B 272 -4.36 -2.66 14.51
C ILE B 272 -4.06 -4.11 14.16
N GLN B 273 -4.79 -5.06 14.76
CA GLN B 273 -4.55 -6.46 14.50
C GLN B 273 -4.82 -6.81 13.04
N PHE B 274 -5.95 -6.35 12.50
CA PHE B 274 -6.28 -6.58 11.09
C PHE B 274 -5.29 -5.88 10.15
N SER B 275 -4.73 -4.76 10.60
CA SER B 275 -3.87 -3.94 9.73
C SER B 275 -2.50 -4.57 9.58
N TYR B 276 -2.17 -5.48 10.49
CA TYR B 276 -0.84 -6.09 10.45
C TYR B 276 -0.87 -7.58 10.81
N HIS B 277 -1.35 -8.39 9.85
CA HIS B 277 -1.22 -9.84 9.87
C HIS B 277 -1.92 -10.60 10.99
N GLY B 278 -2.81 -9.93 11.72
CA GLY B 278 -3.49 -10.55 12.84
C GLY B 278 -2.59 -10.71 14.06
N PHE B 279 -1.46 -10.02 14.05
CA PHE B 279 -0.51 -10.12 15.15
C PHE B 279 -1.03 -9.39 16.39
N GLU B 280 -0.69 -9.90 17.57
CA GLU B 280 -0.86 -9.11 18.79
C GLU B 280 -0.18 -7.75 18.59
N VAL B 281 -0.83 -6.68 19.06
CA VAL B 281 -0.31 -5.33 18.93
C VAL B 281 1.13 -5.25 19.46
N ASN B 282 2.04 -4.77 18.60
CA ASN B 282 3.46 -4.61 18.95
C ASN B 282 4.25 -5.90 19.22
N VAL B 283 3.63 -7.05 18.96
CA VAL B 283 4.30 -8.34 19.11
C VAL B 283 4.35 -9.06 17.75
N LYS B 284 5.43 -8.87 17.02
CA LYS B 284 5.58 -9.47 15.69
C LYS B 284 5.47 -11.00 15.75
N ASN B 285 4.87 -11.60 14.72
CA ASN B 285 4.85 -13.06 14.50
C ASN B 285 3.91 -13.83 15.42
N LYS B 286 3.26 -13.16 16.36
CA LYS B 286 2.33 -13.84 17.24
C LYS B 286 0.87 -13.49 16.94
N LYS B 287 0.19 -14.39 16.24
CA LYS B 287 -1.19 -14.13 15.86
C LYS B 287 -2.18 -14.32 17.02
N VAL B 288 -3.10 -13.39 17.15
CA VAL B 288 -4.17 -13.49 18.14
C VAL B 288 -5.55 -13.51 17.47
N ILE B 289 -5.60 -13.25 16.17
CA ILE B 289 -6.83 -13.49 15.40
C ILE B 289 -6.53 -14.36 14.17
N ASN B 290 -7.56 -14.92 13.56
CA ASN B 290 -7.39 -15.85 12.44
C ASN B 290 -6.47 -15.37 11.31
N PHE B 291 -6.60 -14.11 10.92
CA PHE B 291 -5.71 -13.54 9.90
C PHE B 291 -5.74 -12.03 9.90
N GLY B 292 -4.83 -11.44 9.14
CA GLY B 292 -4.81 -10.01 8.93
C GLY B 292 -4.14 -9.67 7.61
N PHE B 293 -3.99 -8.38 7.36
CA PHE B 293 -3.45 -7.91 6.10
C PHE B 293 -2.09 -7.28 6.33
N ASN B 294 -1.50 -6.74 5.27
CA ASN B 294 -0.28 -5.96 5.37
C ASN B 294 -0.66 -4.58 4.93
N SER B 295 -1.37 -3.87 5.80
CA SER B 295 -2.02 -2.64 5.37
C SER B 295 -1.82 -1.42 6.26
N LYS B 296 -0.70 -1.35 6.97
CA LYS B 296 -0.32 -0.10 7.64
C LYS B 296 0.22 0.91 6.62
N MET B 297 0.10 2.20 6.90
CA MET B 297 0.77 3.23 6.11
C MET B 297 2.30 3.09 6.28
N ASP B 298 3.07 3.47 5.25
CA ASP B 298 4.54 3.48 5.34
C ASP B 298 5.07 4.71 6.09
N ASN B 299 6.12 4.50 6.88
CA ASN B 299 6.86 5.55 7.56
C ASN B 299 7.31 6.65 6.58
N LEU B 300 7.71 6.26 5.36
CA LEU B 300 8.11 7.25 4.37
C LEU B 300 6.97 8.18 3.97
N GLN B 301 5.78 7.63 3.69
CA GLN B 301 4.62 8.48 3.37
C GLN B 301 4.18 9.31 4.56
N ALA B 302 4.30 8.76 5.77
CA ALA B 302 3.99 9.51 6.99
C ALA B 302 4.86 10.78 7.11
N ALA B 303 6.15 10.65 6.84
CA ALA B 303 7.06 11.81 6.86
C ALA B 303 6.68 12.82 5.80
N ILE B 304 6.25 12.34 4.63
CA ILE B 304 5.76 13.21 3.58
C ILE B 304 4.46 13.92 4.01
N GLY B 305 3.56 13.16 4.62
CA GLY B 305 2.32 13.70 5.14
C GLY B 305 2.49 14.79 6.19
N LEU B 306 3.51 14.66 7.04
CA LEU B 306 3.77 15.69 8.04
C LEU B 306 4.18 17.01 7.38
N GLU B 307 4.77 16.92 6.19
CA GLU B 307 5.10 18.11 5.43
C GLU B 307 3.85 18.67 4.72
N ARG B 308 3.18 17.86 3.91
CA ARG B 308 2.06 18.36 3.11
C ARG B 308 0.89 18.86 3.96
N MET B 309 0.73 18.30 5.15
CA MET B 309 -0.34 18.71 6.08
C MET B 309 -0.25 20.18 6.49
N LYS B 310 0.95 20.76 6.38
CA LYS B 310 1.16 22.16 6.73
C LYS B 310 0.37 23.11 5.84
N TYR B 311 -0.08 22.62 4.69
CA TYR B 311 -0.78 23.45 3.71
C TYR B 311 -2.29 23.24 3.76
N LEU B 312 -2.76 22.34 4.62
CA LEU B 312 -4.15 21.91 4.57
C LEU B 312 -5.20 23.02 4.85
N SER B 313 -5.03 23.74 5.94
CA SER B 313 -6.03 24.74 6.32
C SER B 313 -6.14 25.84 5.28
N LEU B 314 -4.98 26.33 4.85
CA LEU B 314 -4.92 27.28 3.76
C LEU B 314 -5.58 26.74 2.48
N ASN B 315 -5.29 25.48 2.14
CA ASN B 315 -5.84 24.89 0.92
C ASN B 315 -7.34 24.69 0.98
N ASN B 316 -7.82 24.21 2.12
CA ASN B 316 -9.26 24.07 2.31
C ASN B 316 -9.93 25.45 2.24
N PHE B 317 -9.28 26.47 2.78
CA PHE B 317 -9.82 27.82 2.68
C PHE B 317 -9.91 28.30 1.22
N LYS B 318 -8.86 28.06 0.45
CA LYS B 318 -8.89 28.43 -0.97
C LYS B 318 -9.99 27.69 -1.73
N ARG B 319 -10.22 26.42 -1.41
CA ARG B 319 -11.35 25.70 -2.01
C ARG B 319 -12.67 26.37 -1.69
N LEU B 320 -12.83 26.79 -0.44
CA LEU B 320 -14.06 27.47 -0.01
C LEU B 320 -14.27 28.77 -0.79
N PHE B 321 -13.20 29.54 -0.93
CA PHE B 321 -13.26 30.79 -1.69
C PHE B 321 -13.69 30.54 -3.13
N LEU B 322 -13.13 29.50 -3.74
CA LEU B 322 -13.47 29.15 -5.12
C LEU B 322 -14.95 28.79 -5.26
N ALA B 323 -15.45 27.98 -4.32
CA ALA B 323 -16.85 27.56 -4.32
C ALA B 323 -17.83 28.71 -4.08
N ASP B 324 -17.48 29.60 -3.16
CA ASP B 324 -18.27 30.83 -2.93
C ASP B 324 -18.34 31.69 -4.19
N ARG B 325 -17.20 31.81 -4.87
CA ARG B 325 -17.11 32.58 -6.10
C ARG B 325 -17.96 31.98 -7.22
N TYR B 326 -17.96 30.66 -7.36
CA TYR B 326 -18.87 29.99 -8.30
C TYR B 326 -20.33 30.28 -7.95
N ILE B 327 -20.71 30.02 -6.70
CA ILE B 327 -22.09 30.16 -6.27
C ILE B 327 -22.64 31.60 -6.48
N THR B 328 -21.82 32.58 -6.15
CA THR B 328 -22.21 33.98 -6.32
C THR B 328 -22.28 34.42 -7.79
N GLN B 329 -21.23 34.15 -8.56
CA GLN B 329 -21.16 34.60 -9.96
C GLN B 329 -22.09 33.87 -10.92
N LEU B 330 -22.47 32.64 -10.57
CA LEU B 330 -23.37 31.87 -11.43
C LEU B 330 -24.83 32.04 -11.02
N ALA B 331 -25.05 32.83 -9.98
CA ALA B 331 -26.39 33.01 -9.38
C ALA B 331 -27.53 33.16 -10.38
N GLU B 332 -27.31 33.95 -11.44
CA GLU B 332 -28.37 34.23 -12.41
C GLU B 332 -28.86 32.97 -13.13
N LEU B 333 -27.95 32.03 -13.39
CA LEU B 333 -28.32 30.82 -14.10
C LEU B 333 -29.22 29.96 -13.23
N GLN B 334 -29.05 30.07 -11.92
CA GLN B 334 -29.90 29.33 -11.00
C GLN B 334 -31.23 30.03 -10.81
N ASN B 335 -31.18 31.36 -10.62
CA ASN B 335 -32.39 32.17 -10.39
C ASN B 335 -33.40 31.99 -11.52
N LYS B 336 -32.88 31.92 -12.74
CA LYS B 336 -33.73 31.76 -13.91
C LYS B 336 -34.06 30.29 -14.19
N GLY B 337 -33.57 29.39 -13.34
CA GLY B 337 -33.93 27.99 -13.41
C GLY B 337 -33.23 27.14 -14.47
N TYR B 338 -32.06 27.57 -14.92
CA TYR B 338 -31.30 26.79 -15.90
C TYR B 338 -30.39 25.77 -15.23
N ILE B 339 -29.92 26.08 -14.02
CA ILE B 339 -29.08 25.13 -13.29
C ILE B 339 -29.39 25.15 -11.82
N GLU B 340 -28.87 24.15 -11.12
CA GLU B 340 -28.87 24.14 -9.67
C GLU B 340 -27.43 24.28 -9.17
N LEU B 341 -27.24 25.20 -8.23
CA LEU B 341 -25.94 25.42 -7.61
C LEU B 341 -25.98 24.80 -6.22
N PRO B 342 -24.82 24.31 -5.76
CA PRO B 342 -24.79 23.81 -4.38
C PRO B 342 -25.00 24.96 -3.41
N GLU B 343 -25.45 24.63 -2.21
CA GLU B 343 -25.67 25.63 -1.19
C GLU B 343 -24.35 25.97 -0.50
N LEU B 344 -24.10 27.25 -0.26
CA LEU B 344 -22.90 27.64 0.46
C LEU B 344 -23.06 27.27 1.94
N SER B 345 -22.56 26.11 2.33
CA SER B 345 -22.81 25.58 3.66
C SER B 345 -21.55 25.37 4.45
N GLU B 346 -21.73 25.34 5.77
CA GLU B 346 -20.65 25.13 6.73
C GLU B 346 -20.17 23.70 6.77
N ASP B 347 -21.01 22.79 6.26
CA ASP B 347 -20.72 21.36 6.35
C ASP B 347 -20.28 20.79 5.00
N HIS B 348 -19.34 21.49 4.36
CA HIS B 348 -18.81 21.11 3.05
C HIS B 348 -17.35 21.53 3.01
N VAL B 349 -16.49 20.66 2.50
CA VAL B 349 -15.10 21.05 2.29
C VAL B 349 -14.70 21.14 0.82
N TRP B 350 -15.67 20.98 -0.08
CA TRP B 350 -15.46 21.28 -1.49
C TRP B 350 -14.32 20.49 -2.13
N HIS B 351 -14.37 19.17 -1.98
CA HIS B 351 -13.39 18.32 -2.66
C HIS B 351 -13.70 18.34 -4.16
N LEU B 352 -14.99 18.28 -4.47
CA LEU B 352 -15.48 18.43 -5.83
C LEU B 352 -16.62 19.45 -5.82
N PHE B 353 -16.90 20.06 -6.98
CA PHE B 353 -17.93 21.08 -7.09
C PHE B 353 -19.03 20.74 -8.10
N PRO B 354 -20.16 20.22 -7.59
CA PRO B 354 -21.26 19.77 -8.46
C PRO B 354 -22.33 20.80 -8.74
N ILE B 355 -22.61 21.04 -10.01
CA ILE B 355 -23.84 21.73 -10.35
C ILE B 355 -24.77 20.69 -10.96
N LYS B 356 -26.03 21.06 -11.18
CA LYS B 356 -26.94 20.18 -11.92
C LYS B 356 -27.45 20.92 -13.14
N VAL B 357 -27.41 20.25 -14.29
CA VAL B 357 -28.00 20.76 -15.53
C VAL B 357 -29.06 19.78 -16.05
N ARG B 358 -29.82 20.20 -17.07
CA ARG B 358 -30.85 19.35 -17.65
C ARG B 358 -30.23 18.09 -18.23
N THR B 359 -30.87 16.96 -17.91
CA THR B 359 -30.43 15.64 -18.37
C THR B 359 -30.17 15.61 -19.88
N GLU B 360 -31.11 16.16 -20.64
CA GLU B 360 -31.08 16.11 -22.09
C GLU B 360 -30.00 17.00 -22.70
N ASP B 361 -29.47 17.92 -21.90
CA ASP B 361 -28.47 18.87 -22.39
C ASP B 361 -27.02 18.64 -21.97
N ARG B 362 -26.81 17.76 -20.98
CA ARG B 362 -25.49 17.66 -20.34
C ARG B 362 -24.36 17.33 -21.29
N ALA B 363 -24.55 16.30 -22.11
CA ALA B 363 -23.50 15.87 -23.05
C ALA B 363 -23.08 17.01 -23.96
N ASP B 364 -24.06 17.79 -24.40
CA ASP B 364 -23.83 18.93 -25.29
C ASP B 364 -23.17 20.11 -24.57
N ILE B 365 -23.61 20.39 -23.34
CA ILE B 365 -22.98 21.44 -22.53
C ILE B 365 -21.49 21.12 -22.36
N MET B 366 -21.19 19.87 -22.01
CA MET B 366 -19.81 19.41 -21.84
C MET B 366 -19.00 19.53 -23.13
N THR B 367 -19.60 19.10 -24.23
CA THR B 367 -18.94 19.14 -25.54
C THR B 367 -18.65 20.58 -25.98
N LYS B 368 -19.63 21.45 -25.81
CA LYS B 368 -19.48 22.85 -26.20
C LYS B 368 -18.47 23.62 -25.34
N LEU B 369 -18.42 23.33 -24.04
CA LEU B 369 -17.45 24.00 -23.18
C LEU B 369 -16.05 23.62 -23.60
N ASN B 370 -15.87 22.33 -23.87
CA ASN B 370 -14.58 21.83 -24.31
C ASN B 370 -14.18 22.31 -25.71
N GLU B 371 -15.07 22.12 -26.69
CA GLU B 371 -14.77 22.46 -28.08
C GLU B 371 -14.62 23.95 -28.31
N ASP B 372 -15.58 24.73 -27.81
CA ASP B 372 -15.60 26.16 -28.07
C ASP B 372 -14.68 26.97 -27.17
N PHE B 373 -14.53 26.56 -25.91
CA PHE B 373 -13.82 27.40 -24.95
C PHE B 373 -12.64 26.73 -24.26
N GLY B 374 -12.37 25.47 -24.60
CA GLY B 374 -11.26 24.74 -24.01
C GLY B 374 -11.51 24.37 -22.56
N VAL B 375 -12.74 24.53 -22.09
CA VAL B 375 -13.09 24.25 -20.70
C VAL B 375 -13.45 22.78 -20.50
N GLN B 376 -12.64 22.08 -19.70
CA GLN B 376 -12.87 20.68 -19.40
C GLN B 376 -13.69 20.52 -18.11
N THR B 377 -14.75 19.72 -18.18
CA THR B 377 -15.54 19.37 -17.00
C THR B 377 -15.55 17.85 -16.88
N ASP B 378 -16.22 17.34 -15.86
CA ASP B 378 -16.24 15.89 -15.68
C ASP B 378 -17.46 15.45 -14.88
N VAL B 379 -17.64 14.15 -14.77
CA VAL B 379 -18.76 13.57 -14.02
C VAL B 379 -18.26 12.43 -13.10
N TYR B 380 -18.25 12.70 -11.80
CA TYR B 380 -17.86 11.71 -10.79
C TYR B 380 -19.16 11.16 -10.22
N TYR B 381 -19.53 9.92 -10.50
CA TYR B 381 -18.76 8.95 -11.27
C TYR B 381 -19.66 8.42 -12.38
N PRO B 382 -19.07 7.94 -13.48
CA PRO B 382 -19.90 7.62 -14.68
C PRO B 382 -20.90 6.47 -14.51
N ILE B 383 -20.64 5.49 -13.66
CA ILE B 383 -21.59 4.37 -13.51
C ILE B 383 -22.00 4.10 -12.07
N LEU B 384 -23.30 4.04 -11.83
CA LEU B 384 -23.84 3.76 -10.51
C LEU B 384 -23.66 2.28 -10.15
N SER B 385 -23.47 2.00 -8.85
CA SER B 385 -23.21 0.66 -8.33
C SER B 385 -24.14 -0.45 -8.85
N HIS B 386 -25.43 -0.18 -8.88
CA HIS B 386 -26.40 -1.18 -9.33
C HIS B 386 -26.50 -1.27 -10.84
N MET B 387 -25.64 -0.53 -11.54
CA MET B 387 -25.63 -0.51 -13.01
C MET B 387 -24.35 -1.06 -13.57
N GLN B 388 -23.41 -1.43 -12.70
CA GLN B 388 -22.17 -2.04 -13.16
C GLN B 388 -22.46 -3.38 -13.85
N LYS B 389 -21.73 -3.66 -14.92
CA LYS B 389 -21.93 -4.91 -15.65
C LYS B 389 -21.05 -6.02 -15.08
N THR B 390 -21.47 -6.54 -13.93
CA THR B 390 -20.75 -7.61 -13.27
C THR B 390 -21.77 -8.74 -13.05
N PRO B 391 -21.28 -9.98 -12.86
CA PRO B 391 -22.20 -11.09 -12.58
C PRO B 391 -22.99 -10.88 -11.31
N LEU B 392 -22.36 -10.29 -10.29
CA LEU B 392 -23.07 -9.97 -9.05
C LEU B 392 -24.27 -9.09 -9.33
N VAL B 393 -24.05 -7.97 -10.01
CA VAL B 393 -25.14 -7.06 -10.31
C VAL B 393 -26.22 -7.76 -11.14
N GLN B 394 -25.81 -8.45 -12.21
CA GLN B 394 -26.73 -9.14 -13.10
C GLN B 394 -27.56 -10.20 -12.35
N ASP B 395 -26.93 -10.92 -11.42
CA ASP B 395 -27.60 -11.97 -10.67
C ASP B 395 -28.44 -11.46 -9.48
N LYS B 396 -27.95 -10.47 -8.75
CA LYS B 396 -28.57 -10.10 -7.48
C LYS B 396 -29.12 -8.68 -7.41
N TYR B 397 -28.76 -7.82 -8.34
CA TYR B 397 -29.22 -6.43 -8.24
C TYR B 397 -30.17 -6.02 -9.37
N ALA B 398 -30.74 -7.02 -10.04
CA ALA B 398 -31.75 -6.76 -11.06
C ALA B 398 -33.08 -6.38 -10.41
N GLY B 399 -33.75 -5.37 -10.96
CA GLY B 399 -35.05 -4.95 -10.44
C GLY B 399 -34.95 -3.82 -9.44
N LEU B 400 -33.73 -3.42 -9.12
CA LEU B 400 -33.51 -2.33 -8.18
C LEU B 400 -33.71 -1.00 -8.89
N GLN B 401 -34.51 -0.12 -8.31
CA GLN B 401 -34.68 1.24 -8.83
C GLN B 401 -34.41 2.27 -7.74
N LEU B 402 -33.53 3.22 -8.03
CA LEU B 402 -33.21 4.31 -7.11
C LEU B 402 -33.45 5.64 -7.83
N VAL B 403 -34.67 6.14 -7.69
CA VAL B 403 -35.19 7.20 -8.54
C VAL B 403 -34.40 8.51 -8.47
N HIS B 404 -34.18 9.00 -7.26
CA HIS B 404 -33.46 10.26 -7.07
C HIS B 404 -32.00 10.12 -7.43
N THR B 405 -31.39 8.99 -7.07
CA THR B 405 -30.00 8.74 -7.42
C THR B 405 -29.82 8.75 -8.94
N GLU B 406 -30.66 8.00 -9.65
CA GLU B 406 -30.56 7.93 -11.11
C GLU B 406 -30.81 9.29 -11.79
N LYS B 407 -31.78 10.04 -11.29
CA LYS B 407 -32.06 11.36 -11.84
C LYS B 407 -30.88 12.31 -11.63
N ALA B 408 -30.39 12.40 -10.38
CA ALA B 408 -29.27 13.28 -10.06
C ALA B 408 -28.01 12.90 -10.83
N HIS B 409 -27.79 11.59 -10.96
CA HIS B 409 -26.65 11.04 -11.68
C HIS B 409 -26.62 11.53 -13.13
N SER B 410 -27.81 11.67 -13.73
CA SER B 410 -27.92 12.12 -15.12
C SER B 410 -27.80 13.64 -15.26
N GLN B 411 -27.86 14.35 -14.14
CA GLN B 411 -27.90 15.81 -14.18
C GLN B 411 -26.60 16.48 -13.74
N VAL B 412 -25.82 15.78 -12.92
CA VAL B 412 -24.68 16.39 -12.24
C VAL B 412 -23.52 16.70 -13.18
N LEU B 413 -22.87 17.82 -12.92
CA LEU B 413 -21.71 18.21 -13.68
C LEU B 413 -20.72 18.84 -12.71
N HIS B 414 -19.49 18.34 -12.71
CA HIS B 414 -18.45 18.89 -11.85
C HIS B 414 -17.61 19.93 -12.59
N LEU B 415 -17.42 21.09 -11.96
CA LEU B 415 -16.58 22.15 -12.49
C LEU B 415 -15.21 22.13 -11.83
N PRO B 416 -14.16 22.55 -12.56
CA PRO B 416 -12.81 22.52 -11.98
C PRO B 416 -12.72 23.29 -10.65
N LEU B 417 -12.07 22.68 -9.67
CA LEU B 417 -11.84 23.30 -8.37
C LEU B 417 -10.73 22.55 -7.62
N TYR B 418 -9.62 23.23 -7.38
CA TYR B 418 -8.53 22.68 -6.57
C TYR B 418 -7.73 23.89 -6.07
N PRO B 419 -6.92 23.72 -5.02
CA PRO B 419 -6.41 24.93 -4.36
C PRO B 419 -5.50 25.80 -5.24
N SER B 420 -4.74 25.19 -6.15
CA SER B 420 -3.88 25.94 -7.06
C SER B 420 -4.53 26.40 -8.37
N PHE B 421 -5.85 26.24 -8.49
CA PHE B 421 -6.62 26.77 -9.60
C PHE B 421 -6.54 28.31 -9.59
N THR B 422 -6.49 28.94 -10.76
CA THR B 422 -6.46 30.41 -10.81
C THR B 422 -7.85 31.03 -10.98
N LEU B 423 -8.01 32.24 -10.46
CA LEU B 423 -9.28 32.95 -10.61
C LEU B 423 -9.52 33.31 -12.07
N GLU B 424 -8.48 33.58 -12.84
CA GLU B 424 -8.69 33.86 -14.27
C GLU B 424 -9.11 32.62 -15.08
N GLU B 425 -8.66 31.43 -14.69
CA GLU B 425 -9.22 30.21 -15.29
C GLU B 425 -10.68 30.08 -14.91
N GLN B 426 -10.99 30.34 -13.64
CA GLN B 426 -12.35 30.25 -13.18
C GLN B 426 -13.27 31.21 -13.96
N ASP B 427 -12.80 32.43 -14.21
CA ASP B 427 -13.56 33.37 -15.04
C ASP B 427 -13.97 32.73 -16.36
N ARG B 428 -12.98 32.11 -17.03
CA ARG B 428 -13.20 31.42 -18.29
C ARG B 428 -14.26 30.32 -18.17
N VAL B 429 -14.15 29.51 -17.13
CA VAL B 429 -15.17 28.49 -16.87
C VAL B 429 -16.58 29.11 -16.77
N MET B 430 -16.71 30.17 -16.00
CA MET B 430 -18.02 30.74 -15.73
C MET B 430 -18.60 31.42 -16.98
N GLU B 431 -17.75 32.16 -17.70
CA GLU B 431 -18.14 32.84 -18.93
C GLU B 431 -18.62 31.82 -19.97
N GLY B 432 -17.86 30.76 -20.13
CA GLY B 432 -18.22 29.72 -21.08
C GLY B 432 -19.54 29.10 -20.70
N LEU B 433 -19.76 28.90 -19.40
CA LEU B 433 -20.99 28.30 -18.91
C LEU B 433 -22.19 29.19 -19.26
N PHE B 434 -22.06 30.49 -19.00
CA PHE B 434 -23.11 31.43 -19.37
C PHE B 434 -23.37 31.39 -20.86
N HIS B 435 -22.30 31.41 -21.65
CA HIS B 435 -22.44 31.39 -23.10
C HIS B 435 -23.12 30.13 -23.64
N VAL B 436 -22.69 28.94 -23.21
CA VAL B 436 -23.28 27.74 -23.81
C VAL B 436 -24.67 27.44 -23.28
N ILE B 437 -24.95 27.80 -22.03
CA ILE B 437 -26.28 27.54 -21.47
C ILE B 437 -27.32 28.42 -22.14
N LYS B 438 -26.96 29.68 -22.40
CA LYS B 438 -27.89 30.58 -23.07
C LYS B 438 -28.20 30.10 -24.49
N GLN B 439 -27.22 29.50 -25.15
CA GLN B 439 -27.45 28.98 -26.50
C GLN B 439 -28.12 27.60 -26.50
N GLU B 440 -28.38 27.05 -25.31
CA GLU B 440 -29.24 25.88 -25.21
C GLU B 440 -30.69 26.34 -25.32
N ILE B 441 -30.90 27.64 -25.14
CA ILE B 441 -32.22 28.24 -25.21
C ILE B 441 -32.19 29.57 -25.97
#